data_6MRY
#
_entry.id   6MRY
#
_cell.length_a   95.107
_cell.length_b   69.318
_cell.length_c   107.662
_cell.angle_alpha   90.00
_cell.angle_beta   108.08
_cell.angle_gamma   90.00
#
_symmetry.space_group_name_H-M   'I 1 2 1'
#
loop_
_entity.id
_entity.type
_entity.pdbx_description
1 polymer 'NoD173 defensin'
2 non-polymer 'CITRATE ANION'
3 non-polymer 1,2-ETHANEDIOL
4 non-polymer 'CHLORIDE ION'
5 non-polymer '5-amino-2,4,6-triiodobenzene-1,3-dicarboxylic acid'
6 non-polymer 'TRIETHYLENE GLYCOL'
7 non-polymer DI(HYDROXYETHYL)ETHER
8 water water
#
_entity_poly.entity_id   1
_entity_poly.type   'polypeptide(L)'
_entity_poly.pdbx_seq_one_letter_code
;ARQCKAESNTFTGICIAKPPCRQACIREKFTDGHCSKVLRRCLCTKRC
;
_entity_poly.pdbx_strand_id   A,B,C,D,E,F,G,H,I,J,K,L
#
loop_
_chem_comp.id
_chem_comp.type
_chem_comp.name
_chem_comp.formula
CL non-polymer 'CHLORIDE ION' 'Cl -1'
EDO non-polymer 1,2-ETHANEDIOL 'C2 H6 O2'
FLC non-polymer 'CITRATE ANION' 'C6 H5 O7 -3'
I3C non-polymer '5-amino-2,4,6-triiodobenzene-1,3-dicarboxylic acid' 'C8 H4 I3 N O4'
PEG non-polymer DI(HYDROXYETHYL)ETHER 'C4 H10 O3'
PGE non-polymer 'TRIETHYLENE GLYCOL' 'C6 H14 O4'
#
# COMPACT_ATOMS: atom_id res chain seq x y z
N ALA A 1 -6.66 -23.81 -2.49
CA ALA A 1 -6.81 -23.42 -3.89
C ALA A 1 -7.53 -22.08 -3.99
N ARG A 2 -8.65 -22.06 -4.71
CA ARG A 2 -9.62 -20.97 -4.58
C ARG A 2 -10.37 -21.20 -3.28
N GLN A 3 -9.82 -20.62 -2.21
CA GLN A 3 -10.52 -20.59 -0.93
C GLN A 3 -11.80 -19.78 -1.06
N CYS A 4 -12.92 -20.35 -0.62
CA CYS A 4 -14.13 -19.61 -0.41
C CYS A 4 -14.45 -19.54 1.08
N LYS A 5 -15.10 -18.44 1.45
CA LYS A 5 -15.37 -18.08 2.83
C LYS A 5 -16.85 -17.86 3.03
N ALA A 6 -17.37 -18.36 4.14
CA ALA A 6 -18.75 -18.12 4.53
C ALA A 6 -18.79 -17.97 6.04
N GLU A 7 -19.49 -16.94 6.51
CA GLU A 7 -19.61 -16.73 7.96
C GLU A 7 -20.27 -17.93 8.62
N SER A 8 -19.72 -18.36 9.76
CA SER A 8 -20.23 -19.53 10.47
C SER A 8 -21.70 -19.38 10.82
N ASN A 9 -22.46 -20.45 10.53
CA ASN A 9 -23.87 -20.49 10.89
C ASN A 9 -24.11 -20.80 12.36
N THR A 10 -23.12 -21.33 13.08
CA THR A 10 -23.34 -21.75 14.47
C THR A 10 -22.44 -21.07 15.49
N PHE A 11 -21.38 -20.41 15.07
CA PHE A 11 -20.50 -19.75 16.02
C PHE A 11 -21.19 -18.51 16.57
N THR A 12 -21.14 -18.33 17.88
CA THR A 12 -21.79 -17.21 18.55
C THR A 12 -20.74 -16.41 19.32
N GLY A 13 -21.02 -15.12 19.47
CA GLY A 13 -20.04 -14.24 20.09
C GLY A 13 -18.94 -13.84 19.13
N ILE A 14 -18.03 -13.02 19.62
CA ILE A 14 -16.99 -12.46 18.77
C ILE A 14 -15.87 -13.48 18.56
N CYS A 15 -15.16 -13.33 17.45
CA CYS A 15 -14.10 -14.25 17.07
C CYS A 15 -12.74 -13.62 17.33
N ILE A 16 -12.00 -14.13 18.32
CA ILE A 16 -10.66 -13.62 18.60
C ILE A 16 -9.60 -14.66 18.25
N ALA A 17 -9.61 -15.82 18.91
CA ALA A 17 -8.67 -16.89 18.65
C ALA A 17 -9.30 -17.97 17.75
N LYS A 18 -8.47 -18.50 16.85
CA LYS A 18 -8.92 -19.44 15.82
C LYS A 18 -9.66 -20.69 16.32
N PRO A 19 -9.24 -21.39 17.38
CA PRO A 19 -9.67 -22.79 17.59
C PRO A 19 -11.18 -22.98 17.62
N PRO A 20 -11.94 -22.21 18.42
CA PRO A 20 -13.40 -22.49 18.46
C PRO A 20 -14.10 -22.19 17.13
N CYS A 21 -13.67 -21.13 16.44
CA CYS A 21 -14.22 -20.85 15.11
C CYS A 21 -13.94 -22.02 14.17
N ARG A 22 -12.71 -22.53 14.21
CA ARG A 22 -12.31 -23.66 13.37
C ARG A 22 -13.14 -24.90 13.68
N GLN A 23 -13.38 -25.16 14.97
CA GLN A 23 -14.23 -26.27 15.37
C GLN A 23 -15.64 -26.14 14.80
N ALA A 24 -16.31 -24.99 15.05
CA ALA A 24 -17.65 -24.79 14.52
C ALA A 24 -17.67 -24.91 13.00
N CYS A 25 -16.60 -24.44 12.34
CA CYS A 25 -16.60 -24.43 10.88
C CYS A 25 -16.45 -25.82 10.33
N ILE A 26 -15.49 -26.58 10.86
CA ILE A 26 -15.47 -27.99 10.52
C ILE A 26 -16.81 -28.60 10.85
N ARG A 27 -17.49 -28.15 11.93
CA ARG A 27 -18.74 -28.84 12.31
C ARG A 27 -19.84 -28.57 11.30
N GLU A 28 -19.78 -27.43 10.66
CA GLU A 28 -20.60 -27.08 9.51
C GLU A 28 -20.08 -27.66 8.21
N LYS A 29 -19.19 -28.65 8.25
CA LYS A 29 -18.72 -29.37 7.07
C LYS A 29 -17.90 -28.46 6.15
N PHE A 30 -17.26 -27.46 6.72
CA PHE A 30 -16.22 -26.74 6.01
C PHE A 30 -14.87 -27.39 6.33
N THR A 31 -13.82 -26.87 5.70
CA THR A 31 -12.49 -27.41 5.92
C THR A 31 -11.79 -26.72 7.08
N ASP A 32 -11.96 -25.41 7.24
CA ASP A 32 -11.28 -24.69 8.34
C ASP A 32 -12.12 -23.48 8.74
N GLY A 33 -11.62 -22.70 9.69
CA GLY A 33 -12.29 -21.48 10.09
C GLY A 33 -11.32 -20.52 10.72
N HIS A 34 -11.56 -19.22 10.54
CA HIS A 34 -10.68 -18.22 11.11
C HIS A 34 -11.44 -16.94 11.42
N CYS A 35 -10.92 -16.19 12.39
CA CYS A 35 -11.52 -14.93 12.75
C CYS A 35 -11.16 -13.87 11.71
N SER A 36 -12.17 -13.10 11.30
CA SER A 36 -11.93 -11.99 10.39
C SER A 36 -11.19 -10.88 11.13
N LYS A 37 -10.38 -10.11 10.40
CA LYS A 37 -9.39 -9.28 11.06
C LYS A 37 -9.92 -7.92 11.48
N VAL A 38 -11.02 -7.47 10.90
CA VAL A 38 -11.60 -6.18 11.24
C VAL A 38 -12.87 -6.34 12.06
N LEU A 39 -13.81 -7.15 11.57
CA LEU A 39 -15.08 -7.31 12.26
C LEU A 39 -15.10 -8.49 13.22
N ARG A 40 -14.00 -9.23 13.36
CA ARG A 40 -13.90 -10.32 14.34
C ARG A 40 -15.03 -11.33 14.19
N ARG A 41 -15.35 -11.65 12.95
CA ARG A 41 -16.32 -12.68 12.64
C ARG A 41 -15.63 -14.02 12.44
N CYS A 42 -16.36 -15.10 12.70
CA CYS A 42 -15.85 -16.45 12.43
C CYS A 42 -16.20 -16.80 11.00
N LEU A 43 -15.20 -16.89 10.14
CA LEU A 43 -15.39 -17.21 8.73
C LEU A 43 -14.90 -18.64 8.48
N CYS A 44 -15.79 -19.49 7.99
CA CYS A 44 -15.46 -20.83 7.55
C CYS A 44 -14.88 -20.79 6.13
N THR A 45 -13.97 -21.72 5.86
CA THR A 45 -13.29 -21.80 4.58
C THR A 45 -13.35 -23.22 4.02
N LYS A 46 -13.57 -23.30 2.71
CA LYS A 46 -13.51 -24.56 1.97
C LYS A 46 -13.10 -24.27 0.53
N ARG A 47 -12.57 -25.29 -0.13
CA ARG A 47 -12.20 -25.15 -1.53
C ARG A 47 -13.45 -24.89 -2.35
N CYS A 48 -13.37 -23.92 -3.27
CA CYS A 48 -14.57 -23.69 -4.08
C CYS A 48 -14.27 -23.56 -5.56
N ARG B 2 -3.20 -27.33 5.62
CA ARG B 2 -2.68 -26.09 6.16
C ARG B 2 -2.25 -25.11 5.09
N GLN B 3 -2.72 -23.88 5.21
CA GLN B 3 -2.29 -22.79 4.36
C GLN B 3 -1.21 -21.99 5.08
N CYS B 4 -0.02 -21.91 4.49
CA CYS B 4 1.11 -21.12 4.96
C CYS B 4 1.23 -19.82 4.17
N LYS B 5 1.75 -18.79 4.83
CA LYS B 5 1.93 -17.49 4.22
C LYS B 5 3.34 -16.95 4.47
N ALA B 6 3.85 -16.24 3.49
CA ALA B 6 5.11 -15.50 3.60
C ALA B 6 4.95 -14.18 2.86
N GLU B 7 5.54 -13.11 3.39
CA GLU B 7 5.52 -11.85 2.66
C GLU B 7 6.17 -12.02 1.29
N SER B 8 5.55 -11.43 0.27
CA SER B 8 6.18 -11.36 -1.05
C SER B 8 7.52 -10.64 -0.97
N ASN B 9 8.49 -11.16 -1.72
CA ASN B 9 9.78 -10.50 -1.92
C ASN B 9 9.86 -9.73 -3.24
N THR B 10 8.73 -9.56 -3.93
CA THR B 10 8.70 -8.77 -5.16
C THR B 10 7.72 -7.62 -5.01
N PHE B 11 6.43 -7.89 -4.86
CA PHE B 11 5.44 -6.83 -4.63
C PHE B 11 5.47 -6.49 -3.16
N THR B 12 6.27 -5.48 -2.81
CA THR B 12 6.46 -5.11 -1.43
C THR B 12 5.65 -3.88 -1.02
N GLY B 13 5.12 -3.14 -1.99
CA GLY B 13 4.39 -1.92 -1.69
C GLY B 13 2.98 -2.20 -1.20
N ILE B 14 2.22 -1.12 -1.00
CA ILE B 14 0.88 -1.22 -0.43
C ILE B 14 -0.02 -2.07 -1.32
N CYS B 15 -0.69 -3.04 -0.72
CA CYS B 15 -1.48 -4.03 -1.44
C CYS B 15 -2.96 -3.71 -1.22
N ILE B 16 -3.63 -3.24 -2.27
CA ILE B 16 -5.06 -2.90 -2.20
C ILE B 16 -5.90 -4.06 -2.71
N ALA B 17 -5.83 -4.33 -4.02
CA ALA B 17 -6.51 -5.47 -4.62
C ALA B 17 -5.51 -6.59 -4.86
N LYS B 18 -5.99 -7.82 -4.73
CA LYS B 18 -5.08 -8.97 -4.78
C LYS B 18 -4.45 -9.30 -6.14
N PRO B 19 -5.04 -8.99 -7.30
CA PRO B 19 -4.50 -9.59 -8.56
C PRO B 19 -3.01 -9.37 -8.74
N PRO B 20 -2.48 -8.15 -8.60
CA PRO B 20 -1.02 -8.02 -8.76
C PRO B 20 -0.24 -8.79 -7.70
N CYS B 21 -0.72 -8.78 -6.45
CA CYS B 21 -0.07 -9.57 -5.40
C CYS B 21 -0.01 -11.04 -5.79
N ARG B 22 -1.15 -11.60 -6.19
CA ARG B 22 -1.24 -13.01 -6.58
C ARG B 22 -0.31 -13.31 -7.74
N GLN B 23 -0.23 -12.40 -8.71
CA GLN B 23 0.65 -12.58 -9.87
C GLN B 23 2.11 -12.65 -9.44
N ALA B 24 2.53 -11.70 -8.61
CA ALA B 24 3.89 -11.71 -8.09
C ALA B 24 4.15 -12.98 -7.29
N CYS B 25 3.19 -13.39 -6.49
CA CYS B 25 3.38 -14.57 -5.65
C CYS B 25 3.54 -15.82 -6.51
N ILE B 26 2.79 -15.92 -7.62
CA ILE B 26 2.97 -17.10 -8.45
C ILE B 26 4.34 -17.05 -9.12
N ARG B 27 4.78 -15.85 -9.53
CA ARG B 27 6.15 -15.70 -10.02
C ARG B 27 7.18 -16.18 -8.99
N GLU B 28 6.91 -15.95 -7.71
CA GLU B 28 7.83 -16.37 -6.65
C GLU B 28 7.58 -17.82 -6.23
N LYS B 29 6.85 -18.60 -7.03
CA LYS B 29 6.61 -20.03 -6.83
C LYS B 29 5.65 -20.32 -5.68
N PHE B 30 4.80 -19.38 -5.31
CA PHE B 30 3.74 -19.70 -4.38
C PHE B 30 2.50 -20.07 -5.16
N THR B 31 1.47 -20.52 -4.44
CA THR B 31 0.23 -20.95 -5.09
C THR B 31 -0.71 -19.77 -5.29
N ASP B 32 -0.70 -18.81 -4.39
CA ASP B 32 -1.63 -17.70 -4.47
C ASP B 32 -1.04 -16.53 -3.70
N GLY B 33 -1.73 -15.40 -3.72
CA GLY B 33 -1.34 -14.29 -2.87
C GLY B 33 -2.49 -13.36 -2.60
N HIS B 34 -2.56 -12.78 -1.41
CA HIS B 34 -3.60 -11.80 -1.08
C HIS B 34 -3.03 -10.69 -0.21
N CYS B 35 -3.79 -9.62 -0.06
CA CYS B 35 -3.36 -8.48 0.74
C CYS B 35 -3.76 -8.66 2.20
N SER B 36 -2.83 -8.36 3.09
CA SER B 36 -3.10 -8.43 4.52
C SER B 36 -4.06 -7.31 4.90
N LYS B 37 -4.87 -7.55 5.94
CA LYS B 37 -6.05 -6.72 6.14
C LYS B 37 -5.74 -5.43 6.89
N VAL B 38 -4.68 -5.41 7.71
CA VAL B 38 -4.35 -4.20 8.45
C VAL B 38 -3.17 -3.50 7.79
N LEU B 39 -2.06 -4.22 7.62
CA LEU B 39 -0.85 -3.59 7.10
C LEU B 39 -0.78 -3.57 5.57
N ARG B 40 -1.75 -4.18 4.89
CA ARG B 40 -1.82 -4.13 3.43
C ARG B 40 -0.52 -4.63 2.80
N ARG B 41 -0.04 -5.76 3.34
CA ARG B 41 1.13 -6.46 2.80
C ARG B 41 0.67 -7.52 1.82
N CYS B 42 1.40 -7.67 0.73
CA CYS B 42 1.16 -8.79 -0.18
C CYS B 42 1.73 -10.05 0.44
N LEU B 43 0.87 -11.03 0.71
CA LEU B 43 1.25 -12.26 1.38
C LEU B 43 1.02 -13.42 0.42
N CYS B 44 2.10 -14.08 0.06
CA CYS B 44 2.04 -15.29 -0.74
C CYS B 44 1.62 -16.47 0.12
N THR B 45 0.84 -17.37 -0.48
CA THR B 45 0.31 -18.54 0.19
C THR B 45 0.67 -19.79 -0.60
N LYS B 46 0.93 -20.86 0.15
CA LYS B 46 1.16 -22.20 -0.37
C LYS B 46 0.86 -23.17 0.76
N ARG B 47 0.63 -24.43 0.43
CA ARG B 47 0.25 -25.37 1.47
C ARG B 47 1.45 -25.68 2.36
N CYS B 48 1.24 -25.63 3.67
CA CYS B 48 2.31 -25.80 4.66
C CYS B 48 3.03 -27.13 4.52
N ARG C 2 -7.02 30.87 -1.39
CA ARG C 2 -7.75 29.87 -2.16
C ARG C 2 -6.86 28.68 -2.56
N GLN C 3 -7.11 27.52 -1.93
CA GLN C 3 -6.34 26.31 -2.18
C GLN C 3 -6.80 25.63 -3.46
N CYS C 4 -5.86 25.32 -4.36
CA CYS C 4 -6.12 24.50 -5.52
C CYS C 4 -5.32 23.22 -5.48
N LYS C 5 -5.85 22.23 -6.20
CA LYS C 5 -5.35 20.87 -6.18
C LYS C 5 -5.16 20.33 -7.58
N ALA C 6 -4.15 19.47 -7.73
CA ALA C 6 -3.89 18.76 -8.96
C ALA C 6 -3.29 17.40 -8.66
N GLU C 7 -3.72 16.38 -9.40
CA GLU C 7 -3.11 15.06 -9.32
C GLU C 7 -1.60 15.18 -9.50
N SER C 8 -0.85 14.53 -8.62
CA SER C 8 0.60 14.46 -8.81
C SER C 8 0.92 13.74 -10.11
N ASN C 9 1.94 14.23 -10.82
CA ASN C 9 2.46 13.53 -11.99
C ASN C 9 3.74 12.74 -11.69
N THR C 10 4.15 12.69 -10.43
CA THR C 10 5.28 11.87 -10.02
C THR C 10 4.86 10.75 -9.08
N PHE C 11 4.18 11.07 -7.96
CA PHE C 11 3.69 10.02 -7.07
C PHE C 11 2.25 9.69 -7.43
N THR C 12 2.09 8.63 -8.23
CA THR C 12 0.83 8.22 -8.79
C THR C 12 0.29 6.94 -8.19
N GLY C 13 1.05 6.28 -7.32
CA GLY C 13 0.60 5.08 -6.67
C GLY C 13 -0.35 5.37 -5.51
N ILE C 14 -0.73 4.29 -4.82
CA ILE C 14 -1.69 4.38 -3.73
C ILE C 14 -1.11 5.27 -2.63
N CYS C 15 -1.81 6.38 -2.37
CA CYS C 15 -1.41 7.37 -1.39
C CYS C 15 -2.07 7.02 -0.06
N ILE C 16 -1.28 6.58 0.92
CA ILE C 16 -1.78 6.25 2.25
C ILE C 16 -1.47 7.40 3.19
N ALA C 17 -0.19 7.62 3.52
CA ALA C 17 0.18 8.71 4.40
C ALA C 17 0.75 9.89 3.63
N LYS C 18 0.68 11.05 4.26
CA LYS C 18 1.05 12.32 3.62
C LYS C 18 2.50 12.43 3.12
N PRO C 19 3.53 12.02 3.86
CA PRO C 19 4.92 12.55 3.61
C PRO C 19 5.41 12.38 2.19
N PRO C 20 5.40 11.17 1.60
CA PRO C 20 5.97 11.06 0.24
C PRO C 20 5.18 11.87 -0.78
N CYS C 21 3.86 11.92 -0.63
CA CYS C 21 3.04 12.74 -1.52
C CYS C 21 3.45 14.20 -1.45
N ARG C 22 3.53 14.73 -0.23
CA ARG C 22 3.96 16.12 -0.06
C ARG C 22 5.33 16.35 -0.69
N GLN C 23 6.28 15.43 -0.47
CA GLN C 23 7.62 15.59 -1.03
C GLN C 23 7.58 15.64 -2.55
N ALA C 24 6.90 14.67 -3.15
CA ALA C 24 6.81 14.61 -4.61
C ALA C 24 6.19 15.89 -5.15
N CYS C 25 5.16 16.39 -4.48
CA CYS C 25 4.46 17.60 -4.93
C CYS C 25 5.35 18.84 -4.81
N ILE C 26 6.18 18.92 -3.76
CA ILE C 26 7.08 20.06 -3.66
C ILE C 26 8.11 20.03 -4.77
N ARG C 27 8.59 18.83 -5.13
CA ARG C 27 9.49 18.75 -6.27
C ARG C 27 8.79 19.12 -7.57
N GLU C 28 7.48 18.87 -7.67
CA GLU C 28 6.70 19.37 -8.79
C GLU C 28 6.38 20.85 -8.66
N LYS C 29 7.04 21.53 -7.73
CA LYS C 29 6.86 22.96 -7.49
C LYS C 29 5.43 23.31 -7.09
N PHE C 30 4.78 22.37 -6.41
CA PHE C 30 3.58 22.69 -5.65
C PHE C 30 4.00 23.06 -4.24
N THR C 31 3.04 23.41 -3.41
CA THR C 31 3.37 23.86 -2.05
C THR C 31 3.17 22.77 -1.01
N ASP C 32 2.21 21.86 -1.22
CA ASP C 32 1.95 20.79 -0.28
C ASP C 32 1.33 19.64 -1.07
N GLY C 33 1.11 18.52 -0.39
CA GLY C 33 0.38 17.43 -1.01
C GLY C 33 -0.30 16.54 0.02
N HIS C 34 -1.43 15.93 -0.33
CA HIS C 34 -2.13 15.03 0.60
C HIS C 34 -2.79 13.90 -0.19
N CYS C 35 -3.17 12.85 0.52
CA CYS C 35 -3.85 11.72 -0.10
C CYS C 35 -5.35 11.97 -0.12
N SER C 36 -5.97 11.73 -1.27
CA SER C 36 -7.42 11.88 -1.37
C SER C 36 -8.10 10.76 -0.58
N LYS C 37 -9.30 11.03 -0.10
CA LYS C 37 -9.83 10.18 0.96
C LYS C 37 -10.54 8.95 0.42
N VAL C 38 -10.94 8.93 -0.84
CA VAL C 38 -11.61 7.77 -1.42
C VAL C 38 -10.70 7.04 -2.40
N LEU C 39 -10.17 7.75 -3.39
CA LEU C 39 -9.33 7.13 -4.42
C LEU C 39 -7.87 7.01 -4.00
N ARG C 40 -7.48 7.54 -2.83
CA ARG C 40 -6.10 7.51 -2.36
C ARG C 40 -5.15 8.04 -3.43
N ARG C 41 -5.53 9.19 -3.98
CA ARG C 41 -4.70 9.92 -4.94
C ARG C 41 -3.82 10.92 -4.22
N CYS C 42 -2.55 10.97 -4.60
CA CYS C 42 -1.69 12.06 -4.17
C CYS C 42 -2.12 13.34 -4.90
N LEU C 43 -2.61 14.32 -4.16
CA LEU C 43 -3.05 15.60 -4.69
C LEU C 43 -2.14 16.71 -4.19
N CYS C 44 -1.40 17.32 -5.11
CA CYS C 44 -0.59 18.47 -4.83
C CYS C 44 -1.47 19.70 -4.73
N THR C 45 -1.05 20.63 -3.88
CA THR C 45 -1.83 21.81 -3.55
C THR C 45 -0.93 23.02 -3.61
N LYS C 46 -1.51 24.09 -4.11
CA LYS C 46 -0.92 25.42 -4.03
C LYS C 46 -2.08 26.39 -3.85
N ARG C 47 -1.79 27.67 -3.93
CA ARG C 47 -2.91 28.59 -4.11
C ARG C 47 -3.03 28.90 -5.60
N CYS C 48 -4.24 29.24 -6.02
CA CYS C 48 -4.51 29.41 -7.43
C CYS C 48 -5.11 30.73 -7.88
N ARG D 2 -10.09 25.31 21.32
CA ARG D 2 -10.03 25.22 19.86
C ARG D 2 -8.70 24.64 19.38
N GLN D 3 -8.58 23.32 19.40
CA GLN D 3 -7.45 22.65 18.79
C GLN D 3 -7.58 22.67 17.27
N CYS D 4 -6.50 23.06 16.60
CA CYS D 4 -6.36 22.85 15.17
C CYS D 4 -5.57 21.58 14.92
N LYS D 5 -5.88 20.93 13.82
CA LYS D 5 -5.29 19.65 13.47
C LYS D 5 -4.70 19.75 12.06
N ALA D 6 -3.62 19.01 11.85
CA ALA D 6 -3.00 18.92 10.54
C ALA D 6 -2.31 17.57 10.44
N GLU D 7 -2.48 16.91 9.30
CA GLU D 7 -1.86 15.61 9.12
C GLU D 7 -0.34 15.71 9.26
N SER D 8 0.24 14.75 9.98
CA SER D 8 1.68 14.75 10.21
C SER D 8 2.44 14.73 8.89
N ASN D 9 3.49 15.55 8.81
CA ASN D 9 4.31 15.61 7.62
C ASN D 9 5.39 14.53 7.57
N THR D 10 5.58 13.80 8.67
CA THR D 10 6.67 12.82 8.76
C THR D 10 6.20 11.41 9.07
N PHE D 11 5.01 11.25 9.67
CA PHE D 11 4.54 9.92 10.02
C PHE D 11 4.14 9.15 8.76
N THR D 12 4.60 7.90 8.65
CA THR D 12 4.30 7.08 7.50
C THR D 12 3.60 5.81 7.95
N GLY D 13 2.90 5.17 7.01
CA GLY D 13 2.09 4.01 7.36
C GLY D 13 0.77 4.39 8.01
N ILE D 14 0.15 3.38 8.61
CA ILE D 14 -1.19 3.53 9.15
C ILE D 14 -1.11 3.78 10.65
N CYS D 15 -2.11 4.48 11.18
CA CYS D 15 -2.11 4.91 12.57
C CYS D 15 -2.99 3.96 13.39
N ILE D 16 -2.39 3.25 14.34
CA ILE D 16 -3.14 2.35 15.21
C ILE D 16 -3.25 2.93 16.60
N ALA D 17 -2.17 2.87 17.37
CA ALA D 17 -2.18 3.47 18.68
C ALA D 17 -1.52 4.83 18.64
N LYS D 18 -1.90 5.66 19.60
CA LYS D 18 -1.46 7.04 19.63
C LYS D 18 0.06 7.26 19.65
N PRO D 19 0.89 6.51 20.40
CA PRO D 19 2.26 6.98 20.70
C PRO D 19 3.12 7.30 19.48
N PRO D 20 3.19 6.44 18.45
CA PRO D 20 4.10 6.78 17.33
C PRO D 20 3.68 8.05 16.62
N CYS D 21 2.37 8.24 16.50
CA CYS D 21 1.83 9.44 15.89
C CYS D 21 2.12 10.66 16.75
N ARG D 22 1.83 10.56 18.05
CA ARG D 22 2.12 11.64 18.98
C ARG D 22 3.59 12.04 18.91
N GLN D 23 4.49 11.06 18.92
CA GLN D 23 5.91 11.38 18.92
C GLN D 23 6.34 12.03 17.60
N ALA D 24 5.88 11.51 16.46
CA ALA D 24 6.14 12.20 15.20
C ALA D 24 5.68 13.63 15.28
N CYS D 25 4.48 13.87 15.83
CA CYS D 25 3.90 15.21 15.83
C CYS D 25 4.64 16.14 16.79
N ILE D 26 5.11 15.60 17.92
CA ILE D 26 5.84 16.44 18.85
C ILE D 26 7.19 16.80 18.26
N ARG D 27 7.82 15.88 17.52
CA ARG D 27 9.02 16.23 16.79
C ARG D 27 8.74 17.33 15.76
N GLU D 28 7.54 17.35 15.16
CA GLU D 28 7.21 18.37 14.17
C GLU D 28 6.81 19.69 14.81
N LYS D 29 6.99 19.83 16.13
CA LYS D 29 6.68 21.04 16.89
C LYS D 29 5.19 21.23 17.12
N PHE D 30 4.43 20.14 17.23
CA PHE D 30 3.05 20.23 17.63
C PHE D 30 2.89 19.81 19.09
N THR D 31 1.76 20.16 19.67
CA THR D 31 1.50 19.82 21.06
C THR D 31 1.21 18.33 21.21
N ASP D 32 0.43 17.75 20.31
CA ASP D 32 0.08 16.34 20.44
C ASP D 32 -0.19 15.74 19.07
N GLY D 33 -0.53 14.47 19.07
CA GLY D 33 -0.86 13.77 17.84
C GLY D 33 -1.73 12.59 18.18
N HIS D 34 -2.69 12.30 17.31
CA HIS D 34 -3.57 11.16 17.51
C HIS D 34 -4.05 10.67 16.16
N CYS D 35 -4.54 9.43 16.13
CA CYS D 35 -5.09 8.88 14.91
C CYS D 35 -6.42 9.55 14.56
N SER D 36 -6.69 9.67 13.26
CA SER D 36 -7.94 10.27 12.82
C SER D 36 -9.10 9.33 13.09
N LYS D 37 -10.31 9.84 12.83
CA LYS D 37 -11.52 9.15 13.29
C LYS D 37 -11.70 7.80 12.58
N VAL D 38 -11.66 7.80 11.25
CA VAL D 38 -11.98 6.63 10.46
C VAL D 38 -10.80 6.16 9.62
N LEU D 39 -10.05 7.09 9.03
CA LEU D 39 -9.08 6.71 8.04
C LEU D 39 -7.70 6.40 8.63
N ARG D 40 -7.58 6.35 9.95
CA ARG D 40 -6.32 6.02 10.61
C ARG D 40 -5.16 6.84 10.07
N ARG D 41 -5.37 8.15 9.92
CA ARG D 41 -4.27 9.05 9.61
C ARG D 41 -3.68 9.57 10.90
N CYS D 42 -2.41 9.96 10.85
CA CYS D 42 -1.78 10.64 11.99
C CYS D 42 -2.06 12.14 11.92
N LEU D 43 -2.78 12.68 12.91
CA LEU D 43 -3.12 14.10 12.94
C LEU D 43 -2.42 14.76 14.12
N CYS D 44 -1.62 15.79 13.82
CA CYS D 44 -0.99 16.60 14.84
C CYS D 44 -1.97 17.69 15.26
N THR D 45 -1.90 18.06 16.54
CA THR D 45 -2.79 19.04 17.13
C THR D 45 -1.97 20.11 17.85
N LYS D 46 -2.40 21.37 17.69
CA LYS D 46 -1.91 22.50 18.46
C LYS D 46 -3.05 23.52 18.57
N ARG D 47 -2.95 24.42 19.54
CA ARG D 47 -3.98 25.44 19.69
C ARG D 47 -4.06 26.31 18.45
N CYS D 48 -5.28 26.58 18.00
CA CYS D 48 -5.53 27.42 16.82
C CYS D 48 -5.12 28.86 17.10
N ARG E 2 -24.44 -22.99 0.76
CA ARG E 2 -24.58 -21.63 1.28
C ARG E 2 -23.98 -20.62 0.30
N GLN E 3 -24.06 -19.33 0.66
CA GLN E 3 -23.44 -18.26 -0.13
C GLN E 3 -21.95 -18.14 0.25
N CYS E 4 -21.07 -18.59 -0.64
CA CYS E 4 -19.63 -18.53 -0.43
C CYS E 4 -19.03 -17.35 -1.17
N LYS E 5 -17.97 -16.78 -0.58
CA LYS E 5 -17.33 -15.60 -1.13
C LYS E 5 -15.84 -15.87 -1.31
N ALA E 6 -15.27 -15.24 -2.33
CA ALA E 6 -13.84 -15.28 -2.61
C ALA E 6 -13.45 -13.93 -3.20
N GLU E 7 -12.35 -13.37 -2.73
CA GLU E 7 -11.89 -12.14 -3.35
C GLU E 7 -11.57 -12.36 -4.83
N SER E 8 -11.93 -11.39 -5.66
CA SER E 8 -11.76 -11.52 -7.10
C SER E 8 -10.29 -11.58 -7.50
N ASN E 9 -9.97 -12.42 -8.48
CA ASN E 9 -8.61 -12.53 -8.97
C ASN E 9 -8.26 -11.49 -10.03
N THR E 10 -9.25 -10.78 -10.55
CA THR E 10 -9.01 -9.87 -11.67
C THR E 10 -9.34 -8.42 -11.37
N PHE E 11 -10.23 -8.14 -10.42
CA PHE E 11 -10.63 -6.77 -10.14
C PHE E 11 -9.49 -5.99 -9.49
N THR E 12 -9.16 -4.84 -10.07
CA THR E 12 -8.11 -3.98 -9.55
C THR E 12 -8.70 -2.70 -8.97
N GLY E 13 -7.90 -2.03 -8.14
CA GLY E 13 -8.32 -0.79 -7.52
C GLY E 13 -9.19 -1.01 -6.29
N ILE E 14 -9.68 0.11 -5.78
CA ILE E 14 -10.58 0.09 -4.62
C ILE E 14 -11.98 -0.22 -5.11
N CYS E 15 -12.75 -0.96 -4.30
CA CYS E 15 -14.11 -1.33 -4.70
C CYS E 15 -15.07 -0.25 -4.23
N ILE E 16 -15.41 0.68 -5.12
CA ILE E 16 -16.39 1.71 -4.82
C ILE E 16 -17.76 1.26 -5.33
N ALA E 17 -17.87 1.16 -6.65
CA ALA E 17 -19.12 0.78 -7.27
C ALA E 17 -19.24 -0.74 -7.29
N LYS E 18 -20.45 -1.23 -7.06
CA LYS E 18 -20.74 -2.65 -7.18
C LYS E 18 -20.64 -3.17 -8.63
N PRO E 19 -21.13 -2.46 -9.64
CA PRO E 19 -21.20 -3.06 -11.01
C PRO E 19 -19.86 -3.54 -11.54
N PRO E 20 -18.77 -2.77 -11.45
CA PRO E 20 -17.49 -3.31 -11.96
C PRO E 20 -17.08 -4.58 -11.26
N CYS E 21 -17.23 -4.60 -9.93
CA CYS E 21 -16.88 -5.78 -9.15
C CYS E 21 -17.70 -6.98 -9.62
N ARG E 22 -19.00 -6.78 -9.76
CA ARG E 22 -19.87 -7.85 -10.24
C ARG E 22 -19.43 -8.35 -11.61
N GLN E 23 -19.03 -7.43 -12.48
CA GLN E 23 -18.65 -7.83 -13.84
C GLN E 23 -17.39 -8.68 -13.80
N ALA E 24 -16.36 -8.22 -13.06
CA ALA E 24 -15.19 -9.04 -12.84
C ALA E 24 -15.59 -10.43 -12.37
N CYS E 25 -16.47 -10.50 -11.36
CA CYS E 25 -16.82 -11.79 -10.78
C CYS E 25 -17.57 -12.67 -11.75
N ILE E 26 -18.39 -12.11 -12.64
N ILE E 26 -18.42 -12.08 -12.61
CA ILE E 26 -19.08 -12.92 -13.63
CA ILE E 26 -19.09 -12.85 -13.66
C ILE E 26 -18.09 -13.43 -14.66
C ILE E 26 -18.07 -13.45 -14.61
N ARG E 27 -17.08 -12.63 -15.01
CA ARG E 27 -16.05 -13.11 -15.93
C ARG E 27 -15.26 -14.28 -15.34
N GLU E 28 -15.11 -14.37 -14.03
CA GLU E 28 -14.44 -15.53 -13.44
C GLU E 28 -15.42 -16.54 -12.87
N LYS E 29 -16.52 -16.77 -13.60
CA LYS E 29 -17.52 -17.84 -13.39
C LYS E 29 -18.21 -17.79 -12.02
N PHE E 30 -18.22 -16.64 -11.35
CA PHE E 30 -19.02 -16.54 -10.14
C PHE E 30 -20.40 -16.02 -10.48
N THR E 31 -21.28 -16.05 -9.48
CA THR E 31 -22.66 -15.59 -9.67
C THR E 31 -22.76 -14.09 -9.47
N ASP E 32 -22.17 -13.55 -8.41
CA ASP E 32 -22.23 -12.11 -8.21
C ASP E 32 -20.90 -11.59 -7.71
N GLY E 33 -20.81 -10.28 -7.58
CA GLY E 33 -19.72 -9.64 -6.87
C GLY E 33 -20.24 -8.40 -6.18
N HIS E 34 -19.69 -8.12 -5.01
CA HIS E 34 -20.06 -6.93 -4.26
C HIS E 34 -18.85 -6.42 -3.50
N CYS E 35 -18.90 -5.15 -3.13
CA CYS E 35 -17.80 -4.61 -2.34
C CYS E 35 -17.92 -5.06 -0.90
N SER E 36 -16.77 -5.31 -0.27
CA SER E 36 -16.76 -5.84 1.09
C SER E 36 -17.12 -4.75 2.10
N LYS E 37 -17.33 -5.20 3.34
CA LYS E 37 -17.90 -4.36 4.38
C LYS E 37 -17.08 -3.11 4.61
N VAL E 38 -15.79 -3.27 4.91
CA VAL E 38 -14.96 -2.21 5.45
C VAL E 38 -13.81 -1.87 4.51
N LEU E 39 -13.12 -2.87 4.00
CA LEU E 39 -11.89 -2.65 3.26
C LEU E 39 -12.12 -2.36 1.79
N ARG E 40 -13.37 -2.39 1.33
CA ARG E 40 -13.73 -2.09 -0.06
C ARG E 40 -12.90 -2.96 -1.00
N ARG E 41 -12.89 -4.25 -0.71
CA ARG E 41 -12.41 -5.26 -1.63
C ARG E 41 -13.58 -5.79 -2.43
N CYS E 42 -13.28 -6.35 -3.59
CA CYS E 42 -14.30 -6.94 -4.45
C CYS E 42 -14.42 -8.42 -4.12
N LEU E 43 -15.56 -8.81 -3.58
CA LEU E 43 -15.82 -10.20 -3.21
C LEU E 43 -16.75 -10.80 -4.26
N CYS E 44 -16.34 -11.94 -4.82
CA CYS E 44 -17.16 -12.72 -5.72
C CYS E 44 -17.94 -13.73 -4.89
N THR E 45 -19.18 -13.98 -5.27
CA THR E 45 -20.07 -14.84 -4.51
C THR E 45 -20.68 -15.89 -5.43
N LYS E 46 -20.89 -17.07 -4.86
CA LYS E 46 -21.52 -18.17 -5.58
C LYS E 46 -22.10 -19.13 -4.56
N ARG E 47 -23.16 -19.82 -4.98
CA ARG E 47 -23.72 -20.86 -4.12
C ARG E 47 -22.67 -21.94 -3.91
N CYS E 48 -22.61 -22.45 -2.67
CA CYS E 48 -21.62 -23.46 -2.32
C CYS E 48 -22.20 -24.45 -1.33
N ARG F 2 11.02 5.32 -30.46
CA ARG F 2 10.79 5.10 -29.03
C ARG F 2 11.13 3.68 -28.59
N GLN F 3 11.51 3.53 -27.32
CA GLN F 3 11.79 2.22 -26.73
C GLN F 3 10.51 1.62 -26.14
N CYS F 4 10.37 0.31 -26.32
CA CYS F 4 9.26 -0.46 -25.80
C CYS F 4 9.74 -1.66 -25.00
N LYS F 5 8.92 -2.07 -24.03
CA LYS F 5 9.18 -3.10 -23.04
C LYS F 5 8.22 -4.27 -23.20
N ALA F 6 8.66 -5.44 -22.76
CA ALA F 6 7.79 -6.61 -22.63
C ALA F 6 8.41 -7.56 -21.64
N GLU F 7 7.60 -8.13 -20.75
CA GLU F 7 8.14 -9.07 -19.77
C GLU F 7 8.82 -10.23 -20.49
N SER F 8 9.94 -10.68 -19.92
CA SER F 8 10.66 -11.79 -20.52
C SER F 8 9.88 -13.08 -20.35
N ASN F 9 9.81 -13.87 -21.42
CA ASN F 9 9.16 -15.18 -21.41
C ASN F 9 10.09 -16.31 -20.99
N THR F 10 11.40 -16.05 -20.92
CA THR F 10 12.39 -17.06 -20.58
C THR F 10 12.94 -16.90 -19.18
N PHE F 11 13.21 -15.66 -18.77
CA PHE F 11 13.86 -15.42 -17.48
C PHE F 11 12.97 -15.92 -16.35
N THR F 12 13.56 -16.77 -15.51
CA THR F 12 12.88 -17.42 -14.40
C THR F 12 13.36 -16.81 -13.09
N GLY F 13 12.43 -16.56 -12.18
CA GLY F 13 12.77 -16.03 -10.87
C GLY F 13 12.55 -14.53 -10.77
N ILE F 14 13.06 -13.98 -9.68
CA ILE F 14 12.99 -12.54 -9.46
C ILE F 14 14.23 -11.91 -10.08
N CYS F 15 14.07 -10.66 -10.49
CA CYS F 15 15.09 -9.95 -11.25
C CYS F 15 15.71 -8.90 -10.34
N ILE F 16 16.94 -9.16 -9.90
CA ILE F 16 17.72 -8.18 -9.15
C ILE F 16 18.90 -7.67 -9.97
N ALA F 17 19.60 -8.55 -10.67
CA ALA F 17 20.77 -8.18 -11.45
C ALA F 17 20.44 -8.08 -12.93
N LYS F 18 20.94 -7.03 -13.57
CA LYS F 18 20.69 -6.85 -15.00
C LYS F 18 21.28 -7.95 -15.89
N PRO F 19 22.50 -8.42 -15.70
CA PRO F 19 23.16 -9.27 -16.73
C PRO F 19 22.33 -10.47 -17.17
N PRO F 20 21.78 -11.29 -16.25
CA PRO F 20 20.98 -12.44 -16.74
C PRO F 20 19.71 -12.01 -17.47
N CYS F 21 19.13 -10.89 -17.05
CA CYS F 21 17.94 -10.37 -17.72
C CYS F 21 18.26 -9.95 -19.14
N ARG F 22 19.32 -9.15 -19.31
CA ARG F 22 19.74 -8.74 -20.65
C ARG F 22 20.07 -9.95 -21.51
N GLN F 23 20.70 -10.97 -20.93
CA GLN F 23 21.05 -12.16 -21.70
C GLN F 23 19.80 -12.86 -22.22
N ALA F 24 18.85 -13.16 -21.31
CA ALA F 24 17.58 -13.77 -21.72
C ALA F 24 16.87 -12.93 -22.76
N CYS F 25 16.81 -11.61 -22.55
CA CYS F 25 16.10 -10.73 -23.46
C CYS F 25 16.75 -10.71 -24.83
N ILE F 26 18.07 -10.61 -24.88
CA ILE F 26 18.74 -10.60 -26.17
C ILE F 26 18.53 -11.92 -26.89
N ARG F 27 18.48 -13.03 -26.14
CA ARG F 27 18.23 -14.30 -26.78
C ARG F 27 16.79 -14.42 -27.27
N GLU F 28 15.85 -13.74 -26.64
CA GLU F 28 14.49 -13.61 -27.18
C GLU F 28 14.38 -12.52 -28.28
N LYS F 29 15.51 -12.14 -28.88
CA LYS F 29 15.57 -11.19 -30.00
C LYS F 29 15.13 -9.77 -29.61
N PHE F 30 15.24 -9.41 -28.35
CA PHE F 30 15.23 -8.00 -27.99
C PHE F 30 16.65 -7.49 -27.98
N THR F 31 16.80 -6.16 -27.93
CA THR F 31 18.14 -5.58 -27.95
C THR F 31 18.70 -5.35 -26.55
N ASP F 32 17.84 -5.26 -25.53
CA ASP F 32 18.36 -5.17 -24.17
C ASP F 32 17.32 -5.74 -23.21
N GLY F 33 17.67 -5.72 -21.93
CA GLY F 33 16.74 -6.07 -20.86
C GLY F 33 17.18 -5.44 -19.57
N HIS F 34 16.21 -5.18 -18.70
CA HIS F 34 16.50 -4.59 -17.39
C HIS F 34 15.54 -5.18 -16.37
N CYS F 35 15.91 -5.08 -15.09
CA CYS F 35 15.00 -5.48 -14.02
C CYS F 35 14.08 -4.32 -13.70
N SER F 36 12.77 -4.53 -13.86
CA SER F 36 11.77 -3.63 -13.33
C SER F 36 11.76 -3.74 -11.81
N LYS F 37 11.99 -2.58 -11.16
CA LYS F 37 12.21 -2.51 -9.73
C LYS F 37 10.91 -2.58 -8.94
N VAL F 38 9.79 -2.19 -9.56
CA VAL F 38 8.52 -2.20 -8.85
C VAL F 38 8.08 -3.63 -8.54
N LEU F 39 8.18 -4.51 -9.53
CA LEU F 39 7.85 -5.92 -9.35
C LEU F 39 9.07 -6.83 -9.45
N ARG F 40 10.26 -6.28 -9.56
CA ARG F 40 11.48 -7.07 -9.66
C ARG F 40 11.33 -8.16 -10.72
N ARG F 41 10.95 -7.75 -11.93
CA ARG F 41 10.81 -8.73 -13.01
C ARG F 41 11.61 -8.29 -14.22
N CYS F 42 11.98 -9.26 -15.05
CA CYS F 42 12.88 -8.97 -16.16
C CYS F 42 12.07 -8.48 -17.35
N LEU F 43 12.37 -7.26 -17.83
CA LEU F 43 11.68 -6.62 -18.93
C LEU F 43 12.64 -6.41 -20.08
N CYS F 44 12.33 -7.02 -21.23
CA CYS F 44 13.09 -6.87 -22.45
C CYS F 44 12.67 -5.60 -23.18
N THR F 45 13.63 -4.99 -23.86
CA THR F 45 13.41 -3.72 -24.53
C THR F 45 13.96 -3.77 -25.94
N LYS F 46 13.23 -3.10 -26.83
CA LYS F 46 13.62 -2.92 -28.22
C LYS F 46 13.02 -1.60 -28.69
N ARG F 47 13.23 -1.26 -29.97
CA ARG F 47 12.55 -0.11 -30.55
C ARG F 47 11.11 -0.49 -30.85
N CYS F 48 10.19 0.42 -30.51
CA CYS F 48 8.76 0.24 -30.74
C CYS F 48 8.44 0.05 -32.23
N ALA G 1 16.01 -19.11 1.28
CA ALA G 1 14.95 -20.03 1.69
C ALA G 1 13.91 -19.30 2.55
N ARG G 2 12.72 -19.12 2.00
CA ARG G 2 11.69 -18.35 2.67
C ARG G 2 11.18 -19.07 3.92
N GLN G 3 10.79 -18.30 4.91
CA GLN G 3 10.08 -18.81 6.08
C GLN G 3 8.58 -18.55 5.93
N CYS G 4 7.76 -19.55 6.26
CA CYS G 4 6.32 -19.48 6.15
C CYS G 4 5.68 -19.47 7.53
N LYS G 5 4.46 -18.93 7.58
CA LYS G 5 3.72 -18.76 8.82
C LYS G 5 2.27 -19.20 8.64
N ALA G 6 1.68 -19.63 9.75
CA ALA G 6 0.29 -20.04 9.76
C ALA G 6 -0.25 -19.82 11.15
N GLU G 7 -1.42 -19.22 11.26
CA GLU G 7 -2.01 -19.03 12.58
C GLU G 7 -2.20 -20.36 13.30
N SER G 8 -1.81 -20.39 14.58
CA SER G 8 -1.91 -21.62 15.37
C SER G 8 -3.35 -22.13 15.47
N ASN G 9 -3.51 -23.43 15.27
CA ASN G 9 -4.81 -24.09 15.32
C ASN G 9 -5.25 -24.45 16.72
N THR G 10 -4.39 -24.31 17.72
CA THR G 10 -4.64 -24.78 19.07
C THR G 10 -4.47 -23.72 20.14
N PHE G 11 -3.66 -22.69 19.89
CA PHE G 11 -3.56 -21.62 20.86
C PHE G 11 -4.93 -20.97 21.02
N THR G 12 -5.43 -20.86 22.24
CA THR G 12 -6.78 -20.36 22.49
C THR G 12 -6.81 -18.97 23.10
N GLY G 13 -5.67 -18.36 23.42
CA GLY G 13 -5.62 -17.07 24.05
C GLY G 13 -5.15 -15.95 23.13
N ILE G 14 -4.80 -14.84 23.77
CA ILE G 14 -4.13 -13.73 23.11
C ILE G 14 -2.64 -14.01 23.09
N CYS G 15 -1.95 -13.51 22.07
CA CYS G 15 -0.48 -13.61 22.01
C CYS G 15 0.11 -12.29 22.50
N ILE G 16 0.63 -12.31 23.73
CA ILE G 16 1.39 -11.19 24.25
C ILE G 16 2.85 -11.56 24.53
N ALA G 17 3.13 -12.80 24.88
CA ALA G 17 4.50 -13.28 24.92
C ALA G 17 4.64 -14.48 23.99
N LYS G 18 5.88 -14.71 23.53
CA LYS G 18 6.13 -15.82 22.62
C LYS G 18 6.01 -17.18 23.26
N PRO G 19 6.61 -17.47 24.43
CA PRO G 19 6.79 -18.89 24.85
C PRO G 19 5.52 -19.71 24.78
N PRO G 20 4.33 -19.22 25.27
CA PRO G 20 3.12 -20.07 25.18
C PRO G 20 2.74 -20.38 23.73
N CYS G 21 2.84 -19.35 22.88
CA CYS G 21 2.52 -19.53 21.47
C CYS G 21 3.51 -20.49 20.81
N ARG G 22 4.80 -20.28 21.04
CA ARG G 22 5.82 -21.19 20.54
C ARG G 22 5.57 -22.62 21.01
N GLN G 23 5.13 -22.81 22.25
CA GLN G 23 4.78 -24.15 22.75
C GLN G 23 3.69 -24.77 21.90
N ALA G 24 2.57 -24.06 21.80
CA ALA G 24 1.47 -24.52 20.94
C ALA G 24 1.97 -24.87 19.55
N CYS G 25 2.80 -24.00 18.97
CA CYS G 25 3.26 -24.19 17.60
C CYS G 25 4.16 -25.40 17.47
N ILE G 26 4.98 -25.66 18.49
CA ILE G 26 5.84 -26.83 18.43
C ILE G 26 4.99 -28.09 18.50
N ARG G 27 4.01 -28.12 19.43
CA ARG G 27 3.06 -29.23 19.46
C ARG G 27 2.38 -29.43 18.11
N GLU G 28 2.19 -28.36 17.35
CA GLU G 28 1.64 -28.42 16.00
C GLU G 28 2.67 -28.82 14.93
N LYS G 29 3.90 -29.18 15.34
CA LYS G 29 4.97 -29.58 14.42
C LYS G 29 5.43 -28.42 13.54
N PHE G 30 5.46 -27.23 14.12
CA PHE G 30 6.19 -26.11 13.55
C PHE G 30 7.48 -25.94 14.32
N THR G 31 8.40 -25.15 13.76
CA THR G 31 9.68 -24.98 14.43
C THR G 31 9.68 -23.83 15.43
N ASP G 32 8.76 -22.87 15.29
CA ASP G 32 8.72 -21.77 16.24
C ASP G 32 7.31 -21.18 16.22
N GLY G 33 7.13 -20.11 16.99
CA GLY G 33 5.90 -19.36 16.94
C GLY G 33 6.13 -17.99 17.56
N HIS G 34 5.31 -17.04 17.15
CA HIS G 34 5.44 -15.69 17.71
C HIS G 34 4.13 -14.93 17.46
N CYS G 35 4.03 -13.77 18.08
CA CYS G 35 2.79 -13.00 17.96
C CYS G 35 2.73 -12.24 16.64
N SER G 36 1.52 -12.03 16.14
CA SER G 36 1.37 -11.30 14.89
C SER G 36 1.76 -9.83 15.11
N LYS G 37 1.74 -9.06 14.03
CA LYS G 37 2.31 -7.73 14.13
C LYS G 37 1.37 -6.78 14.89
N VAL G 38 0.06 -6.90 14.69
CA VAL G 38 -0.87 -5.90 15.23
C VAL G 38 -1.98 -6.57 16.03
N LEU G 39 -2.49 -7.70 15.55
CA LEU G 39 -3.68 -8.27 16.14
C LEU G 39 -3.40 -9.25 17.27
N ARG G 40 -2.14 -9.50 17.61
CA ARG G 40 -1.81 -10.38 18.74
C ARG G 40 -2.34 -11.80 18.50
N ARG G 41 -2.27 -12.23 17.25
CA ARG G 41 -2.51 -13.64 16.94
C ARG G 41 -1.23 -14.42 17.19
N CYS G 42 -1.38 -15.70 17.50
CA CYS G 42 -0.24 -16.60 17.59
C CYS G 42 0.01 -17.21 16.21
N LEU G 43 1.20 -16.98 15.66
CA LEU G 43 1.57 -17.49 14.35
C LEU G 43 2.69 -18.50 14.50
N CYS G 44 2.48 -19.68 13.97
CA CYS G 44 3.48 -20.71 13.95
C CYS G 44 4.33 -20.55 12.72
N THR G 45 5.59 -20.95 12.84
CA THR G 45 6.53 -20.69 11.76
C THR G 45 7.38 -21.92 11.50
N LYS G 46 7.66 -22.10 10.20
CA LYS G 46 8.45 -23.22 9.70
C LYS G 46 9.05 -22.75 8.37
N ARG G 47 9.87 -23.60 7.77
CA ARG G 47 10.45 -23.29 6.47
C ARG G 47 9.43 -23.53 5.38
N CYS G 48 9.31 -22.57 4.47
CA CYS G 48 8.36 -22.69 3.35
C CYS G 48 8.65 -23.94 2.54
N ARG H 2 29.03 -2.95 -5.92
CA ARG H 2 27.85 -2.24 -5.45
C ARG H 2 27.73 -0.82 -6.03
N GLN H 3 26.68 -0.60 -6.82
CA GLN H 3 26.32 0.75 -7.22
C GLN H 3 25.59 1.45 -6.08
N CYS H 4 25.82 2.75 -5.94
CA CYS H 4 25.19 3.58 -4.92
C CYS H 4 24.53 4.77 -5.59
N LYS H 5 23.44 5.25 -4.97
CA LYS H 5 22.68 6.35 -5.54
C LYS H 5 22.34 7.38 -4.47
N ALA H 6 22.16 8.61 -4.93
CA ALA H 6 21.71 9.73 -4.11
C ALA H 6 20.86 10.64 -4.98
N GLU H 7 19.78 11.18 -4.41
CA GLU H 7 18.96 12.10 -5.19
C GLU H 7 19.77 13.33 -5.57
N SER H 8 19.70 13.72 -6.85
CA SER H 8 20.44 14.88 -7.31
C SER H 8 20.01 16.14 -6.56
N ASN H 9 20.98 16.97 -6.20
CA ASN H 9 20.66 18.20 -5.49
C ASN H 9 20.42 19.38 -6.43
N THR H 10 20.85 19.28 -7.68
CA THR H 10 20.68 20.36 -8.64
C THR H 10 19.50 20.16 -9.60
N PHE H 11 19.03 18.93 -9.74
CA PHE H 11 17.95 18.58 -10.65
C PHE H 11 16.88 17.83 -9.84
N THR H 12 16.16 18.55 -9.00
CA THR H 12 15.15 17.93 -8.14
C THR H 12 13.77 17.86 -8.79
N GLY H 13 13.59 18.45 -9.96
CA GLY H 13 12.31 18.47 -10.64
C GLY H 13 11.96 17.11 -11.23
N ILE H 14 11.02 17.13 -12.17
CA ILE H 14 10.47 15.88 -12.67
C ILE H 14 11.44 15.27 -13.67
N CYS H 15 11.79 14.01 -13.44
CA CYS H 15 12.81 13.33 -14.21
C CYS H 15 12.12 12.36 -15.15
N ILE H 16 12.12 12.68 -16.42
CA ILE H 16 11.48 11.83 -17.41
C ILE H 16 12.50 11.45 -18.48
N ALA H 17 13.47 12.32 -18.71
CA ALA H 17 14.52 12.09 -19.69
C ALA H 17 15.86 11.95 -19.00
N LYS H 18 16.58 10.88 -19.33
CA LYS H 18 17.85 10.55 -18.68
C LYS H 18 19.00 11.51 -18.97
N PRO H 19 19.13 12.11 -20.17
CA PRO H 19 20.33 12.94 -20.45
C PRO H 19 20.50 14.11 -19.50
N PRO H 20 19.47 14.95 -19.24
CA PRO H 20 19.69 16.04 -18.26
C PRO H 20 19.96 15.56 -16.84
N CYS H 21 19.37 14.43 -16.42
CA CYS H 21 19.73 13.86 -15.12
C CYS H 21 21.20 13.46 -15.10
N ARG H 22 21.64 12.76 -16.14
CA ARG H 22 23.04 12.35 -16.22
C ARG H 22 23.95 13.57 -16.16
N GLN H 23 23.61 14.62 -16.89
CA GLN H 23 24.49 15.78 -16.93
C GLN H 23 24.56 16.45 -15.56
N ALA H 24 23.41 16.65 -14.89
CA ALA H 24 23.48 17.29 -13.59
C ALA H 24 24.17 16.40 -12.56
N CYS H 25 24.05 15.08 -12.72
CA CYS H 25 24.71 14.18 -11.78
C CYS H 25 26.23 14.19 -11.98
N ILE H 26 26.68 14.19 -13.24
CA ILE H 26 28.11 14.32 -13.49
C ILE H 26 28.63 15.63 -12.90
N ARG H 27 27.85 16.71 -13.05
CA ARG H 27 28.27 17.96 -12.41
C ARG H 27 28.24 17.85 -10.89
N GLU H 28 27.51 16.89 -10.32
CA GLU H 28 27.57 16.65 -8.89
C GLU H 28 28.65 15.65 -8.48
N LYS H 29 29.67 15.45 -9.32
CA LYS H 29 30.81 14.57 -9.03
C LYS H 29 30.38 13.11 -8.90
N PHE H 30 29.34 12.73 -9.63
CA PHE H 30 28.92 11.34 -9.69
C PHE H 30 29.30 10.73 -11.01
N THR H 31 29.23 9.40 -11.08
CA THR H 31 29.59 8.72 -12.31
C THR H 31 28.48 8.85 -13.34
N ASP H 32 27.22 8.73 -12.92
CA ASP H 32 26.12 8.76 -13.88
C ASP H 32 24.85 9.22 -13.19
N GLY H 33 23.76 9.24 -13.93
CA GLY H 33 22.46 9.54 -13.37
C GLY H 33 21.37 8.86 -14.15
N HIS H 34 20.25 8.61 -13.48
CA HIS H 34 19.09 8.02 -14.14
C HIS H 34 17.81 8.47 -13.45
N CYS H 35 16.72 8.43 -14.20
CA CYS H 35 15.41 8.81 -13.68
C CYS H 35 14.79 7.59 -12.99
N SER H 36 14.71 7.66 -11.66
CA SER H 36 13.95 6.70 -10.90
C SER H 36 12.48 6.77 -11.31
N LYS H 37 11.97 5.60 -11.71
CA LYS H 37 10.62 5.46 -12.27
C LYS H 37 9.54 5.67 -11.21
N VAL H 38 9.76 5.17 -10.00
CA VAL H 38 8.71 5.21 -8.97
C VAL H 38 8.27 6.64 -8.70
N LEU H 39 9.22 7.55 -8.50
CA LEU H 39 8.89 8.93 -8.19
C LEU H 39 9.34 9.89 -9.29
N ARG H 40 9.77 9.36 -10.43
CA ARG H 40 10.30 10.19 -11.52
C ARG H 40 11.28 11.23 -10.99
N ARG H 41 12.31 10.72 -10.32
CA ARG H 41 13.28 11.53 -9.58
C ARG H 41 14.69 11.29 -10.15
N CYS H 42 15.49 12.34 -10.26
CA CYS H 42 16.86 12.19 -10.77
C CYS H 42 17.77 11.64 -9.68
N LEU H 43 18.26 10.42 -9.88
CA LEU H 43 19.17 9.77 -8.95
C LEU H 43 20.56 9.65 -9.58
N CYS H 44 21.57 10.14 -8.87
CA CYS H 44 22.96 10.02 -9.29
C CYS H 44 23.56 8.74 -8.74
N THR H 45 24.42 8.12 -9.55
CA THR H 45 25.04 6.84 -9.24
C THR H 45 26.55 6.93 -9.29
N LYS H 46 27.19 6.29 -8.30
CA LYS H 46 28.63 6.13 -8.21
C LYS H 46 28.91 4.73 -7.68
N ARG H 47 30.19 4.36 -7.60
CA ARG H 47 30.56 3.14 -6.89
C ARG H 47 30.55 3.42 -5.39
N CYS H 48 30.00 2.50 -4.61
CA CYS H 48 29.71 2.75 -3.21
C CYS H 48 30.96 3.06 -2.40
N ARG I 2 3.27 -11.12 -29.04
CA ARG I 2 2.89 -10.57 -27.74
C ARG I 2 2.99 -9.04 -27.69
N GLN I 3 2.40 -8.51 -26.63
CA GLN I 3 2.27 -7.07 -26.45
C GLN I 3 3.56 -6.46 -25.94
N CYS I 4 3.99 -5.38 -26.57
CA CYS I 4 4.97 -4.48 -26.02
C CYS I 4 4.26 -3.30 -25.40
N LYS I 5 4.93 -2.65 -24.47
CA LYS I 5 4.34 -1.53 -23.76
C LYS I 5 5.42 -0.47 -23.52
N ALA I 6 4.96 0.71 -23.15
CA ALA I 6 5.82 1.85 -22.85
C ALA I 6 4.97 2.89 -22.15
N GLU I 7 5.56 3.61 -21.21
CA GLU I 7 4.78 4.65 -20.54
C GLU I 7 4.40 5.72 -21.54
N SER I 8 3.18 6.24 -21.41
CA SER I 8 2.77 7.37 -22.23
C SER I 8 3.63 8.57 -21.85
N ASN I 9 4.04 9.36 -22.84
CA ASN I 9 4.71 10.60 -22.52
C ASN I 9 3.86 11.83 -22.78
N THR I 10 2.56 11.68 -23.05
CA THR I 10 1.66 12.83 -23.01
C THR I 10 0.71 12.80 -21.82
N PHE I 11 0.33 11.62 -21.36
CA PHE I 11 -0.60 11.51 -20.24
C PHE I 11 0.08 12.05 -18.98
N THR I 12 -0.62 12.90 -18.24
CA THR I 12 -0.14 13.36 -16.94
C THR I 12 -1.16 13.04 -15.86
N GLY I 13 -0.69 13.05 -14.62
CA GLY I 13 -1.52 12.69 -13.49
C GLY I 13 -1.59 11.18 -13.26
N ILE I 14 -2.64 10.80 -12.55
CA ILE I 14 -2.84 9.43 -12.08
C ILE I 14 -3.79 8.74 -13.04
N CYS I 15 -3.48 7.49 -13.36
CA CYS I 15 -4.28 6.69 -14.29
C CYS I 15 -5.21 5.83 -13.47
N ILE I 16 -6.51 6.09 -13.59
CA ILE I 16 -7.54 5.23 -13.00
C ILE I 16 -8.52 4.85 -14.09
N ALA I 17 -9.12 5.86 -14.73
CA ALA I 17 -10.02 5.64 -15.85
C ALA I 17 -9.23 5.34 -17.12
N LYS I 18 -9.58 4.26 -17.80
CA LYS I 18 -8.89 3.83 -19.01
C LYS I 18 -9.07 4.74 -20.24
N PRO I 19 -10.26 5.29 -20.51
CA PRO I 19 -10.46 6.06 -21.76
C PRO I 19 -9.40 7.13 -22.01
N PRO I 20 -9.06 7.99 -21.04
CA PRO I 20 -8.10 9.06 -21.36
C PRO I 20 -6.69 8.54 -21.63
N CYS I 21 -6.29 7.45 -20.97
CA CYS I 21 -5.00 6.83 -21.26
C CYS I 21 -4.99 6.23 -22.64
N ARG I 22 -6.04 5.48 -23.00
CA ARG I 22 -6.12 4.91 -24.34
C ARG I 22 -6.10 6.02 -25.39
N GLN I 23 -6.75 7.15 -25.10
CA GLN I 23 -6.78 8.27 -26.03
C GLN I 23 -5.38 8.85 -26.24
N ALA I 24 -4.70 9.17 -25.14
CA ALA I 24 -3.34 9.70 -25.26
C ALA I 24 -2.44 8.72 -26.02
N CYS I 25 -2.58 7.43 -25.71
CA CYS I 25 -1.73 6.41 -26.31
C CYS I 25 -1.97 6.31 -27.81
N ILE I 26 -3.25 6.30 -28.22
CA ILE I 26 -3.53 6.27 -29.66
C ILE I 26 -3.02 7.53 -30.33
N ARG I 27 -3.11 8.68 -29.65
CA ARG I 27 -2.49 9.88 -30.22
C ARG I 27 -0.97 9.79 -30.27
N GLU I 28 -0.36 8.96 -29.44
CA GLU I 28 1.07 8.68 -29.51
C GLU I 28 1.38 7.55 -30.50
N LYS I 29 0.36 7.06 -31.23
CA LYS I 29 0.48 6.04 -32.29
C LYS I 29 0.65 4.63 -31.71
N PHE I 30 -0.09 4.30 -30.66
CA PHE I 30 -0.12 2.94 -30.10
C PHE I 30 -1.50 2.32 -30.33
N THR I 31 -1.56 1.00 -30.14
CA THR I 31 -2.83 0.27 -30.28
C THR I 31 -3.79 0.63 -29.16
N ASP I 32 -3.31 0.57 -27.92
CA ASP I 32 -4.20 0.75 -26.77
C ASP I 32 -3.44 1.45 -25.66
N GLY I 33 -4.14 1.67 -24.55
CA GLY I 33 -3.55 2.23 -23.36
C GLY I 33 -4.31 1.69 -22.17
N HIS I 34 -3.59 1.41 -21.09
CA HIS I 34 -4.24 0.95 -19.87
C HIS I 34 -3.42 1.42 -18.69
N CYS I 35 -4.08 1.45 -17.53
CA CYS I 35 -3.43 1.92 -16.30
C CYS I 35 -2.62 0.80 -15.69
N SER I 36 -1.39 1.11 -15.29
CA SER I 36 -0.54 0.11 -14.67
C SER I 36 -1.10 -0.28 -13.31
N LYS I 37 -0.89 -1.54 -12.93
CA LYS I 37 -1.63 -2.09 -11.81
C LYS I 37 -0.99 -1.80 -10.45
N VAL I 38 0.18 -1.15 -10.41
CA VAL I 38 0.80 -0.73 -9.17
C VAL I 38 0.96 0.78 -9.08
N LEU I 39 1.63 1.38 -10.05
CA LEU I 39 1.88 2.81 -9.98
C LEU I 39 0.80 3.64 -10.63
N ARG I 40 -0.25 3.04 -11.18
CA ARG I 40 -1.32 3.77 -11.82
C ARG I 40 -0.74 4.75 -12.84
N ARG I 41 0.17 4.25 -13.65
CA ARG I 41 0.66 4.98 -14.79
C ARG I 41 -0.13 4.56 -16.02
N CYS I 42 -0.20 5.47 -16.99
CA CYS I 42 -0.76 5.16 -18.30
C CYS I 42 0.30 4.46 -19.15
N LEU I 43 0.01 3.22 -19.54
CA LEU I 43 0.90 2.41 -20.34
C LEU I 43 0.30 2.23 -21.73
N CYS I 44 1.02 2.70 -22.74
CA CYS I 44 0.62 2.47 -24.12
C CYS I 44 1.13 1.12 -24.57
N THR I 45 0.28 0.41 -25.29
CA THR I 45 0.59 -0.93 -25.75
C THR I 45 0.44 -1.01 -27.26
N LYS I 46 1.30 -1.85 -27.83
CA LYS I 46 1.45 -2.09 -29.26
C LYS I 46 1.87 -3.56 -29.34
N ARG I 47 1.75 -4.19 -30.50
CA ARG I 47 2.27 -5.54 -30.59
C ARG I 47 3.77 -5.43 -30.90
N CYS I 48 4.56 -6.23 -30.18
CA CYS I 48 6.01 -6.28 -30.32
C CYS I 48 6.45 -6.55 -31.74
N ALA J 1 1.68 23.45 -17.36
CA ALA J 1 0.56 23.07 -18.20
C ALA J 1 -0.52 22.31 -17.41
N ARG J 2 -0.27 22.07 -16.11
CA ARG J 2 -1.18 21.30 -15.27
C ARG J 2 -2.51 22.01 -15.07
N GLN J 3 -3.57 21.22 -14.93
CA GLN J 3 -4.90 21.71 -14.55
C GLN J 3 -5.03 21.70 -13.04
N CYS J 4 -5.36 22.84 -12.46
CA CYS J 4 -5.64 22.97 -11.03
C CYS J 4 -7.14 23.04 -10.77
N LYS J 5 -7.56 22.45 -9.65
CA LYS J 5 -8.96 22.31 -9.33
C LYS J 5 -9.21 22.72 -7.89
N ALA J 6 -10.38 23.28 -7.65
CA ALA J 6 -10.82 23.68 -6.32
C ALA J 6 -12.33 23.52 -6.28
N GLU J 7 -12.83 22.98 -5.17
CA GLU J 7 -14.27 22.82 -5.01
C GLU J 7 -14.97 24.18 -5.06
N SER J 8 -16.09 24.23 -5.78
CA SER J 8 -16.80 25.49 -5.96
C SER J 8 -17.29 26.06 -4.63
N ASN J 9 -17.08 27.37 -4.46
CA ASN J 9 -17.52 28.11 -3.28
C ASN J 9 -18.99 28.50 -3.30
N THR J 10 -19.67 28.39 -4.45
CA THR J 10 -21.01 28.93 -4.60
C THR J 10 -22.05 27.90 -5.01
N PHE J 11 -21.65 26.81 -5.65
CA PHE J 11 -22.56 25.73 -5.99
C PHE J 11 -23.11 25.10 -4.70
N THR J 12 -24.42 25.16 -4.52
CA THR J 12 -25.05 24.72 -3.27
C THR J 12 -25.65 23.32 -3.35
N GLY J 13 -25.78 22.74 -4.55
CA GLY J 13 -26.35 21.42 -4.70
C GLY J 13 -25.29 20.34 -4.77
N ILE J 14 -25.72 19.15 -5.17
CA ILE J 14 -24.81 18.08 -5.56
C ILE J 14 -24.58 18.22 -7.06
N CYS J 15 -23.41 17.80 -7.52
CA CYS J 15 -23.05 17.92 -8.93
C CYS J 15 -23.51 16.67 -9.66
N ILE J 16 -24.60 16.79 -10.41
CA ILE J 16 -25.07 15.72 -11.27
C ILE J 16 -24.87 16.04 -12.75
N ALA J 17 -24.88 17.32 -13.13
CA ALA J 17 -24.65 17.73 -14.50
C ALA J 17 -23.54 18.76 -14.54
N LYS J 18 -22.87 18.83 -15.69
CA LYS J 18 -21.73 19.76 -15.84
C LYS J 18 -22.16 21.21 -15.90
N PRO J 19 -23.15 21.62 -16.71
CA PRO J 19 -23.39 23.06 -16.97
C PRO J 19 -23.64 23.89 -15.72
N PRO J 20 -24.47 23.45 -14.74
CA PRO J 20 -24.69 24.31 -13.56
C PRO J 20 -23.41 24.56 -12.77
N CYS J 21 -22.64 23.48 -12.58
CA CYS J 21 -21.36 23.57 -11.89
C CYS J 21 -20.40 24.48 -12.66
N ARG J 22 -20.28 24.24 -13.96
CA ARG J 22 -19.50 25.12 -14.83
C ARG J 22 -19.93 26.58 -14.68
N GLN J 23 -21.25 26.85 -14.68
CA GLN J 23 -21.74 28.22 -14.52
C GLN J 23 -21.17 28.82 -13.24
N ALA J 24 -21.41 28.14 -12.12
CA ALA J 24 -20.91 28.62 -10.84
C ALA J 24 -19.41 28.89 -10.91
N CYS J 25 -18.67 27.97 -11.54
CA CYS J 25 -17.22 28.08 -11.56
C CYS J 25 -16.77 29.27 -12.40
N ILE J 26 -17.37 29.46 -13.58
CA ILE J 26 -17.01 30.63 -14.39
C ILE J 26 -17.32 31.91 -13.64
N ARG J 27 -18.44 31.93 -12.91
CA ARG J 27 -18.74 33.10 -12.09
C ARG J 27 -17.71 33.29 -11.01
N GLU J 28 -17.07 32.21 -10.56
CA GLU J 28 -15.99 32.28 -9.57
C GLU J 28 -14.62 32.57 -10.21
N LYS J 29 -14.60 33.11 -11.44
CA LYS J 29 -13.36 33.37 -12.18
C LYS J 29 -12.52 32.11 -12.34
N PHE J 30 -13.19 31.04 -12.75
CA PHE J 30 -12.53 29.81 -13.15
C PHE J 30 -12.83 29.55 -14.62
N THR J 31 -12.00 28.72 -15.24
CA THR J 31 -12.17 28.47 -16.66
C THR J 31 -13.30 27.47 -16.93
N ASP J 32 -13.43 26.46 -16.09
CA ASP J 32 -14.45 25.46 -16.36
C ASP J 32 -14.88 24.85 -15.04
N GLY J 33 -15.79 23.88 -15.12
CA GLY J 33 -16.17 23.13 -13.94
C GLY J 33 -16.66 21.76 -14.36
N HIS J 34 -16.55 20.81 -13.45
CA HIS J 34 -17.08 19.47 -13.66
C HIS J 34 -17.29 18.79 -12.31
N CYS J 35 -17.95 17.64 -12.34
CA CYS J 35 -18.24 16.92 -11.11
C CYS J 35 -17.05 16.06 -10.70
N SER J 36 -16.91 15.85 -9.40
CA SER J 36 -15.84 15.00 -8.89
C SER J 36 -16.10 13.53 -9.23
N LYS J 37 -15.11 12.69 -8.93
CA LYS J 37 -15.13 11.34 -9.45
C LYS J 37 -16.15 10.45 -8.72
N VAL J 38 -16.36 10.68 -7.43
CA VAL J 38 -17.21 9.76 -6.66
C VAL J 38 -18.27 10.50 -5.86
N LEU J 39 -17.89 11.57 -5.18
CA LEU J 39 -18.75 12.20 -4.19
C LEU J 39 -19.66 13.27 -4.79
N ARG J 40 -19.70 13.40 -6.11
CA ARG J 40 -20.60 14.32 -6.79
C ARG J 40 -20.42 15.76 -6.30
N ARG J 41 -19.16 16.16 -6.09
CA ARG J 41 -18.83 17.54 -5.77
C ARG J 41 -18.65 18.34 -7.05
N CYS J 42 -18.85 19.65 -6.94
CA CYS J 42 -18.65 20.57 -8.06
C CYS J 42 -17.24 21.15 -7.97
N LEU J 43 -16.39 20.79 -8.93
CA LEU J 43 -15.00 21.19 -8.94
C LEU J 43 -14.77 22.21 -10.05
N CYS J 44 -14.24 23.35 -9.67
CA CYS J 44 -13.87 24.41 -10.60
C CYS J 44 -12.44 24.17 -11.07
N THR J 45 -12.21 24.40 -12.35
CA THR J 45 -10.94 24.11 -12.96
C THR J 45 -10.38 25.34 -13.67
N LYS J 46 -9.07 25.48 -13.58
CA LYS J 46 -8.30 26.48 -14.31
C LYS J 46 -6.88 25.93 -14.46
N ARG J 47 -6.01 26.68 -15.11
CA ARG J 47 -4.63 26.24 -15.24
C ARG J 47 -3.86 26.60 -13.99
N CYS J 48 -3.04 25.67 -13.52
CA CYS J 48 -2.22 25.84 -12.32
C CYS J 48 -1.32 27.05 -12.41
N ARG K 2 28.08 13.28 1.53
CA ARG K 2 26.85 12.89 0.83
C ARG K 2 26.39 11.46 1.19
N GLN K 3 25.18 11.34 1.74
CA GLN K 3 24.62 10.03 2.05
C GLN K 3 24.13 9.34 0.79
N CYS K 4 24.75 8.22 0.45
CA CYS K 4 24.35 7.33 -0.61
C CYS K 4 23.54 6.18 -0.04
N LYS K 5 22.84 5.51 -0.94
CA LYS K 5 21.98 4.40 -0.57
C LYS K 5 21.96 3.43 -1.73
N ALA K 6 21.56 2.21 -1.42
CA ALA K 6 21.40 1.15 -2.40
C ALA K 6 20.43 0.16 -1.80
N GLU K 7 19.61 -0.45 -2.64
CA GLU K 7 18.67 -1.46 -2.17
C GLU K 7 19.43 -2.67 -1.63
N SER K 8 18.96 -3.17 -0.49
CA SER K 8 19.64 -4.29 0.15
C SER K 8 19.61 -5.54 -0.72
N ASN K 9 20.74 -6.26 -0.72
CA ASN K 9 20.98 -7.51 -1.44
C ASN K 9 20.43 -8.74 -0.70
N THR K 10 20.32 -8.67 0.62
CA THR K 10 19.97 -9.85 1.42
C THR K 10 18.61 -9.75 2.10
N PHE K 11 18.17 -8.56 2.46
CA PHE K 11 16.85 -8.41 3.05
C PHE K 11 15.80 -8.97 2.12
N THR K 12 14.90 -9.80 2.67
CA THR K 12 13.78 -10.35 1.91
C THR K 12 12.46 -10.02 2.59
N GLY K 13 11.41 -9.87 1.79
CA GLY K 13 10.11 -9.51 2.32
C GLY K 13 9.90 -8.00 2.37
N ILE K 14 8.93 -7.60 3.17
CA ILE K 14 8.45 -6.23 3.19
C ILE K 14 9.11 -5.50 4.34
N CYS K 15 9.62 -4.30 4.05
CA CYS K 15 10.31 -3.51 5.05
C CYS K 15 9.30 -2.62 5.77
N ILE K 16 9.06 -2.92 7.04
CA ILE K 16 8.22 -2.07 7.85
C ILE K 16 8.97 -1.74 9.13
N ALA K 17 9.45 -2.79 9.81
CA ALA K 17 10.28 -2.61 10.99
C ALA K 17 11.72 -2.33 10.58
N LYS K 18 12.33 -1.33 11.22
CA LYS K 18 13.67 -0.90 10.85
C LYS K 18 14.77 -1.93 11.19
N PRO K 19 14.82 -2.49 12.41
CA PRO K 19 16.05 -3.22 12.82
C PRO K 19 16.45 -4.32 11.90
N PRO K 20 15.55 -5.14 11.33
CA PRO K 20 16.03 -6.21 10.43
C PRO K 20 16.67 -5.65 9.17
N CYS K 21 16.10 -4.57 8.65
CA CYS K 21 16.72 -3.87 7.52
C CYS K 21 18.09 -3.34 7.89
N ARG K 22 18.18 -2.66 9.03
CA ARG K 22 19.45 -2.10 9.47
C ARG K 22 20.51 -3.18 9.64
N GLN K 23 20.17 -4.29 10.28
CA GLN K 23 21.15 -5.36 10.47
C GLN K 23 21.62 -5.88 9.13
N ALA K 24 20.68 -6.16 8.21
CA ALA K 24 21.05 -6.63 6.87
C ALA K 24 21.98 -5.64 6.16
N CYS K 25 21.68 -4.35 6.30
CA CYS K 25 22.42 -3.34 5.56
C CYS K 25 23.82 -3.22 6.10
N ILE K 26 23.95 -3.17 7.41
CA ILE K 26 25.29 -3.18 7.91
C ILE K 26 25.98 -4.47 7.45
N ARG K 27 25.26 -5.60 7.31
CA ARG K 27 25.94 -6.81 6.81
C ARG K 27 26.38 -6.66 5.38
N GLU K 28 25.78 -5.80 4.57
CA GLU K 28 26.36 -5.61 3.24
C GLU K 28 27.39 -4.47 3.22
N LYS K 29 27.93 -4.21 4.40
CA LYS K 29 29.01 -3.28 4.66
C LYS K 29 28.54 -1.83 4.56
N PHE K 30 27.28 -1.56 4.88
CA PHE K 30 26.79 -0.19 4.94
C PHE K 30 26.73 0.28 6.39
N THR K 31 26.40 1.56 6.57
CA THR K 31 26.32 2.14 7.90
C THR K 31 24.93 2.00 8.52
N ASP K 32 23.88 2.05 7.72
CA ASP K 32 22.54 2.02 8.29
C ASP K 32 21.56 1.42 7.29
N GLY K 33 20.31 1.27 7.72
CA GLY K 33 19.25 0.83 6.84
C GLY K 33 17.92 1.44 7.23
N HIS K 34 17.08 1.75 6.26
CA HIS K 34 15.75 2.23 6.53
C HIS K 34 14.79 1.70 5.47
N CYS K 35 13.50 1.73 5.78
CA CYS K 35 12.49 1.26 4.83
C CYS K 35 12.13 2.39 3.89
N SER K 36 12.09 2.10 2.59
CA SER K 36 11.63 3.08 1.61
C SER K 36 10.15 3.36 1.81
N LYS K 37 9.72 4.54 1.40
CA LYS K 37 8.40 4.98 1.76
C LYS K 37 7.32 4.54 0.76
N VAL K 38 7.67 4.27 -0.49
CA VAL K 38 6.66 3.87 -1.46
C VAL K 38 6.63 2.36 -1.57
N LEU K 39 7.75 1.77 -1.98
CA LEU K 39 7.77 0.33 -2.20
C LEU K 39 8.03 -0.48 -0.95
N ARG K 40 8.37 0.16 0.18
CA ARG K 40 8.66 -0.55 1.43
C ARG K 40 9.79 -1.57 1.21
N ARG K 41 10.86 -1.09 0.61
CA ARG K 41 12.07 -1.88 0.43
C ARG K 41 13.06 -1.51 1.52
N CYS K 42 14.01 -2.41 1.75
CA CYS K 42 15.10 -2.14 2.69
C CYS K 42 16.19 -1.43 1.92
N LEU K 43 16.48 -0.19 2.31
CA LEU K 43 17.50 0.64 1.66
C LEU K 43 18.69 0.78 2.62
N CYS K 44 19.85 0.35 2.17
CA CYS K 44 21.10 0.47 2.90
C CYS K 44 21.74 1.82 2.60
N THR K 45 22.26 2.46 3.64
CA THR K 45 22.81 3.80 3.54
C THR K 45 24.22 3.84 4.09
N LYS K 46 25.03 4.70 3.47
CA LYS K 46 26.39 5.01 3.89
C LYS K 46 26.79 6.29 3.19
N ARG K 47 27.68 7.05 3.80
CA ARG K 47 28.09 8.28 3.14
C ARG K 47 29.07 7.97 2.02
N CYS K 48 28.95 8.73 0.93
CA CYS K 48 29.68 8.46 -0.29
C CYS K 48 30.26 9.76 -0.86
N ARG L 2 -17.44 11.78 38.74
CA ARG L 2 -17.21 11.89 37.30
C ARG L 2 -15.81 11.45 36.83
N GLN L 3 -15.80 10.36 36.07
CA GLN L 3 -14.59 9.86 35.43
C GLN L 3 -14.26 10.67 34.18
N CYS L 4 -12.97 11.03 34.05
CA CYS L 4 -12.39 11.59 32.84
C CYS L 4 -11.51 10.54 32.19
N LYS L 5 -11.48 10.55 30.85
CA LYS L 5 -10.70 9.59 30.05
C LYS L 5 -9.82 10.32 29.05
N ALA L 6 -8.64 9.74 28.83
CA ALA L 6 -7.70 10.22 27.83
C ALA L 6 -6.92 9.02 27.30
N GLU L 7 -6.76 8.95 25.98
CA GLU L 7 -6.03 7.82 25.41
C GLU L 7 -4.58 7.81 25.90
N SER L 8 -4.11 6.63 26.29
CA SER L 8 -2.75 6.49 26.82
C SER L 8 -1.75 7.07 25.83
N ASN L 9 -0.79 7.86 26.35
CA ASN L 9 0.30 8.40 25.54
C ASN L 9 1.42 7.39 25.32
N THR L 10 1.44 6.27 26.05
CA THR L 10 2.56 5.34 26.02
C THR L 10 2.19 3.93 25.61
N PHE L 11 0.94 3.50 25.81
CA PHE L 11 0.51 2.17 25.40
C PHE L 11 0.59 2.04 23.87
N THR L 12 1.21 0.94 23.41
CA THR L 12 1.37 0.64 22.00
C THR L 12 0.54 -0.58 21.63
N GLY L 13 0.16 -0.65 20.36
CA GLY L 13 -0.62 -1.76 19.87
C GLY L 13 -2.09 -1.66 20.25
N ILE L 14 -2.86 -2.69 19.85
CA ILE L 14 -4.27 -2.73 20.21
C ILE L 14 -4.42 -3.19 21.65
N CYS L 15 -5.53 -2.77 22.25
CA CYS L 15 -5.84 -3.03 23.66
C CYS L 15 -6.90 -4.13 23.72
N ILE L 16 -6.57 -5.23 24.40
CA ILE L 16 -7.51 -6.34 24.52
C ILE L 16 -7.76 -6.66 25.99
N ALA L 17 -6.74 -7.14 26.69
CA ALA L 17 -6.84 -7.31 28.12
C ALA L 17 -6.29 -6.06 28.79
N LYS L 18 -6.96 -5.64 29.85
CA LYS L 18 -6.70 -4.33 30.44
C LYS L 18 -5.43 -4.18 31.28
N PRO L 19 -4.84 -5.24 31.87
CA PRO L 19 -3.71 -5.04 32.80
C PRO L 19 -2.59 -4.18 32.19
N PRO L 20 -2.05 -4.50 31.01
CA PRO L 20 -0.99 -3.62 30.46
C PRO L 20 -1.47 -2.20 30.21
N CYS L 21 -2.73 -2.03 29.79
CA CYS L 21 -3.25 -0.68 29.62
C CYS L 21 -3.35 0.04 30.96
N ARG L 22 -3.91 -0.63 31.97
CA ARG L 22 -3.96 -0.06 33.31
C ARG L 22 -2.58 0.32 33.80
N GLN L 23 -1.59 -0.54 33.57
CA GLN L 23 -0.25 -0.27 34.06
C GLN L 23 0.36 0.93 33.35
N ALA L 24 0.23 0.97 32.01
CA ALA L 24 0.68 2.17 31.28
C ALA L 24 0.02 3.42 31.86
N CYS L 25 -1.27 3.34 32.16
CA CYS L 25 -2.01 4.51 32.59
C CYS L 25 -1.61 4.94 33.99
N ILE L 26 -1.26 3.98 34.85
CA ILE L 26 -0.73 4.31 36.17
C ILE L 26 0.61 5.01 36.03
N ARG L 27 1.46 4.50 35.13
CA ARG L 27 2.74 5.17 34.92
C ARG L 27 2.54 6.59 34.41
N GLU L 28 1.47 6.82 33.66
CA GLU L 28 1.15 8.14 33.16
C GLU L 28 0.41 8.99 34.18
N LYS L 29 0.31 8.53 35.43
CA LYS L 29 -0.27 9.21 36.58
C LYS L 29 -1.80 9.28 36.51
N PHE L 30 -2.42 8.39 35.77
CA PHE L 30 -3.85 8.19 35.90
C PHE L 30 -4.11 7.10 36.93
N THR L 31 -5.37 6.88 37.24
CA THR L 31 -5.72 5.96 38.31
C THR L 31 -6.12 4.60 37.79
N ASP L 32 -6.53 4.50 36.54
CA ASP L 32 -6.80 3.19 35.97
C ASP L 32 -6.68 3.30 34.47
N GLY L 33 -6.84 2.17 33.79
CA GLY L 33 -6.90 2.14 32.34
C GLY L 33 -7.75 0.98 31.90
N HIS L 34 -8.45 1.16 30.78
CA HIS L 34 -9.26 0.08 30.22
C HIS L 34 -9.20 0.14 28.70
N CYS L 35 -9.59 -0.97 28.08
CA CYS L 35 -9.62 -1.03 26.62
C CYS L 35 -10.99 -0.56 26.15
N SER L 36 -11.00 0.39 25.21
CA SER L 36 -12.24 0.85 24.63
C SER L 36 -12.91 -0.30 23.89
N LYS L 37 -14.24 -0.24 23.79
CA LYS L 37 -15.00 -1.43 23.42
C LYS L 37 -15.12 -1.60 21.91
N VAL L 38 -14.92 -0.55 21.12
CA VAL L 38 -15.08 -0.63 19.67
C VAL L 38 -13.74 -0.55 18.96
N LEU L 39 -13.00 0.53 19.20
CA LEU L 39 -11.71 0.71 18.55
C LEU L 39 -10.55 0.07 19.30
N ARG L 40 -10.79 -0.50 20.48
CA ARG L 40 -9.77 -1.27 21.20
C ARG L 40 -8.54 -0.41 21.49
N ARG L 41 -8.79 0.83 21.86
CA ARG L 41 -7.73 1.70 22.34
C ARG L 41 -7.56 1.55 23.85
N CYS L 42 -6.42 2.00 24.33
CA CYS L 42 -6.17 2.05 25.76
C CYS L 42 -6.55 3.44 26.25
N LEU L 43 -7.51 3.49 27.16
CA LEU L 43 -8.02 4.75 27.71
C LEU L 43 -7.68 4.80 29.20
N CYS L 44 -6.93 5.82 29.59
CA CYS L 44 -6.62 6.07 30.99
C CYS L 44 -7.76 6.84 31.61
N THR L 45 -8.05 6.52 32.87
CA THR L 45 -9.14 7.11 33.61
C THR L 45 -8.64 7.68 34.92
N LYS L 46 -9.21 8.82 35.29
CA LYS L 46 -8.99 9.40 36.61
C LYS L 46 -10.18 10.29 36.95
N ARG L 47 -10.27 10.68 38.22
CA ARG L 47 -11.36 11.55 38.64
C ARG L 47 -11.19 12.94 38.01
N CYS L 48 -12.25 13.42 37.35
CA CYS L 48 -12.20 14.70 36.64
C CYS L 48 -11.82 15.89 37.51
CAC FLC M . -13.55 -6.60 4.83
CA FLC M . -13.63 -6.85 6.34
CB FLC M . -13.37 -8.29 6.76
CBC FLC M . -13.86 -8.51 8.20
CG FLC M . -11.87 -8.60 6.71
CGC FLC M . -11.56 -10.11 6.79
OA1 FLC M . -12.79 -7.28 4.07
OA2 FLC M . -14.23 -5.69 4.31
OB1 FLC M . -13.17 -8.15 9.18
OB2 FLC M . -14.98 -9.07 8.40
OG1 FLC M . -10.55 -10.55 7.42
OG2 FLC M . -12.33 -10.93 6.23
OHB FLC M . -14.13 -9.16 5.93
C1 EDO N . -12.42 -16.22 21.08
O1 EDO N . -11.07 -16.69 21.15
C2 EDO N . -13.19 -17.12 20.13
O2 EDO N . -12.55 -17.10 18.85
C1 EDO O . -20.34 -14.93 4.06
O1 EDO O . -21.55 -15.68 4.14
C2 EDO O . -20.34 -13.78 5.07
O2 EDO O . -19.08 -13.08 4.97
CL CL P . -18.68 -19.94 19.81
CAC FLC Q . -1.78 -9.06 12.21
CA FLC Q . -1.69 -8.07 11.05
CB FLC Q . -1.91 -8.74 9.70
CBC FLC Q . -1.58 -7.71 8.59
CG FLC Q . -3.35 -9.21 9.54
CGC FLC Q . -3.47 -10.06 8.27
OA1 FLC Q . -1.18 -8.81 13.29
OA2 FLC Q . -2.44 -10.13 12.09
OB1 FLC Q . -0.42 -7.63 8.12
OB2 FLC Q . -2.47 -6.93 8.16
OG1 FLC Q . -2.47 -10.73 7.88
OG2 FLC Q . -4.56 -10.08 7.63
OHB FLC Q . -1.05 -9.85 9.59
C1 EDO R . -10.56 1.72 1.86
O1 EDO R . -11.37 1.22 2.94
C2 EDO R . -9.13 1.21 2.01
O2 EDO R . -8.26 2.07 1.25
C1 EDO S . 17.03 -11.35 -1.88
O1 EDO S . 16.61 -12.38 -2.80
C2 EDO S . 16.72 -9.96 -2.44
O2 EDO S . 15.61 -9.42 -1.73
C1 EDO T . -8.74 -15.30 3.24
O1 EDO T . -7.36 -15.53 2.94
C2 EDO T . -9.04 -13.80 3.22
O2 EDO T . -8.65 -13.22 1.97
CL CL U . 8.38 -20.69 -2.06
I3 I3C V . 2.49 23.48 -10.66
I2 I3C V . 6.29 28.22 -10.77
I1 I3C V . 4.85 25.22 -15.94
O8 I3C V . 3.70 22.42 -14.02
O9 I3C V . 1.94 23.72 -14.23
C10 I3C V . 6.28 27.45 -13.98
N13 I3C V . 4.32 26.02 -9.61
C1 I3C V . 3.88 24.64 -13.10
C6 I3C V . 3.75 24.81 -11.73
C5 I3C V . 4.44 25.83 -11.06
C4 I3C V . 5.25 26.68 -11.80
C3 I3C V . 5.38 26.51 -13.18
C2 I3C V . 4.69 25.49 -13.84
C7 I3C V . 3.12 23.53 -13.82
O11 I3C V . 5.75 28.38 -14.62
O12 I3C V . 7.53 27.27 -13.98
CAC FLC W . -10.97 13.58 -2.05
CA FLC W . -12.22 12.84 -2.52
CB FLC W . -11.98 12.43 -3.98
CBC FLC W . -10.89 11.35 -4.03
CG FLC W . -13.23 11.83 -4.65
CGC FLC W . -14.37 12.85 -4.85
OA1 FLC W . -10.50 14.53 -2.75
OA2 FLC W . -10.40 13.28 -0.96
OB1 FLC W . -10.09 11.32 -5.01
OB2 FLC W . -10.77 10.48 -3.11
OG1 FLC W . -15.31 12.54 -5.63
OG2 FLC W . -14.41 13.98 -4.28
OHB FLC W . -11.56 13.58 -4.67
C1 PGE X . -8.24 -3.18 14.81
O1 PGE X . -8.44 -1.95 15.48
C2 PGE X . -7.28 -2.98 13.65
O2 PGE X . -7.98 -3.09 12.42
C3 PGE X . -7.39 -2.30 11.39
C4 PGE X . -8.31 -2.21 10.18
O4 PGE X . -10.68 -0.08 9.50
C6 PGE X . -9.62 0.39 8.67
C5 PGE X . -8.75 -0.79 8.31
O3 PGE X . -7.90 -1.10 9.40
C1 PEG Y . -10.09 15.52 13.63
O1 PEG Y . -10.89 14.49 14.11
C2 PEG Y . -10.93 16.54 12.88
O2 PEG Y . -10.72 16.34 11.50
C3 PEG Y . -9.41 16.62 11.08
C4 PEG Y . -9.30 16.64 9.56
O4 PEG Y . -7.96 16.91 9.21
CAC FLC Z . -11.83 13.94 5.97
CA FLC Z . -11.82 12.48 6.45
CB FLC Z . -12.28 12.33 7.90
CBC FLC Z . -13.77 12.68 7.87
CG FLC Z . -12.07 10.89 8.42
CGC FLC Z . -10.60 10.65 8.83
OA1 FLC Z . -12.23 14.19 4.79
OA2 FLC Z . -11.41 14.88 6.70
OB1 FLC Z . -14.48 12.26 6.92
OB2 FLC Z . -14.30 13.38 8.77
OG1 FLC Z . -9.68 11.33 8.31
OG2 FLC Z . -10.30 9.79 9.72
OHB FLC Z . -11.54 13.20 8.73
I3 I3C AA . 10.61 1.91 -22.55
I2 I3C AA . 14.61 1.35 -17.98
I1 I3C AA . 9.26 3.94 -17.02
O8 I3C AA . 8.85 4.49 -20.66
O9 I3C AA . 7.90 2.57 -20.28
C10 I3C AA . 12.18 2.78 -16.42
N13 I3C AA . 13.33 1.16 -20.99
C1 I3C AA . 10.26 2.82 -19.70
C6 I3C AA . 11.16 2.21 -20.54
C5 I3C AA . 12.41 1.79 -20.08
C4 I3C AA . 12.74 1.98 -18.74
C3 I3C AA . 11.83 2.59 -17.89
C2 I3C AA . 10.60 3.02 -18.37
C7 I3C AA . 8.92 3.30 -20.24
O11 I3C AA . 11.75 1.93 -15.61
O12 I3C AA . 12.88 3.77 -16.05
CL CL BA . 10.17 -10.16 -30.61
I3 I3C CA . 8.70 -28.62 10.98
I2 I3C CA . 14.10 -30.66 12.98
I1 I3C CA . 13.87 -27.31 8.02
O8 I3C CA . 10.21 -27.87 7.67
O9 I3C CA . 10.65 -26.06 8.83
C10 I3C CA . 15.06 -29.07 10.37
N13 I3C CA . 10.87 -30.12 12.83
C1 I3C CA . 11.46 -28.14 9.73
C6 I3C CA . 10.81 -28.76 10.79
C5 I3C CA . 11.54 -29.48 11.71
C4 I3C CA . 12.93 -29.58 11.59
C3 I3C CA . 13.55 -28.95 10.54
C2 I3C CA . 12.83 -28.25 9.61
C7 I3C CA . 10.71 -27.31 8.68
O11 I3C CA . 15.87 -28.23 10.82
O12 I3C CA . 15.45 -30.08 9.74
I3 I3C DA . 19.00 1.88 -12.13
I2 I3C DA . 22.25 1.21 -7.02
I1 I3C DA . 16.64 -0.88 -7.19
O8 I3C DA . 16.78 -0.64 -11.06
O9 I3C DA . 15.86 1.17 -10.20
C10 I3C DA . 19.56 -0.19 -6.09
N13 I3C DA . 21.56 2.04 -9.95
C1 I3C DA . 18.12 0.57 -9.50
C6 I3C DA . 19.19 1.20 -10.12
C5 I3C DA . 20.37 1.39 -9.41
C4 I3C DA . 20.46 0.93 -8.12
C3 I3C DA . 19.40 0.30 -7.52
C2 I3C DA . 18.22 0.10 -8.20
C7 I3C DA . 16.83 0.36 -10.29
O11 I3C DA . 19.42 0.60 -5.15
O12 I3C DA . 19.88 -1.40 -5.91
CL CL EA . 29.82 12.25 -4.74
I3 I3C FA . 3.91 4.03 -37.23
I2 I3C FA . 5.14 3.83 -31.26
I1 I3C FA . 8.41 7.45 -34.33
O8 I3C FA . 6.82 5.39 -37.95
O9 I3C FA . 5.91 7.30 -37.41
C10 I3C FA . 7.30 5.90 -32.05
N13 I3C FA . 3.70 3.16 -34.12
C1 I3C FA . 6.08 5.62 -35.66
C6 I3C FA . 5.04 4.68 -35.54
C5 I3C FA . 4.76 4.13 -34.28
C4 I3C FA . 5.50 4.56 -33.18
C3 I3C FA . 6.51 5.49 -33.30
C2 I3C FA . 6.82 6.04 -34.51
C7 I3C FA . 6.30 6.14 -37.09
O11 I3C FA . 6.93 6.81 -31.27
O12 I3C FA . 8.39 5.28 -31.82
CAC FLC GA . 5.61 -0.82 -15.96
CA FLC GA . 4.64 -0.80 -14.77
CB FLC GA . 4.73 -2.09 -13.97
CBC FLC GA . 6.14 -2.34 -13.45
CG FLC GA . 3.83 -2.11 -12.73
CGC FLC GA . 3.28 -0.76 -12.30
OA1 FLC GA . 5.61 -1.80 -16.74
OA2 FLC GA . 6.39 0.14 -16.17
OB1 FLC GA . 6.59 -3.53 -13.38
OB2 FLC GA . 6.84 -1.36 -13.09
OG1 FLC GA . 4.01 0.25 -12.14
OG2 FLC GA . 2.04 -0.65 -12.09
OHB FLC GA . 4.35 -3.15 -14.82
C1 EDO HA . -7.82 9.05 -15.84
O1 EDO HA . -6.84 8.00 -15.84
C2 EDO HA . -7.14 10.41 -15.81
O2 EDO HA . -8.14 11.43 -15.70
C1 EDO IA . -9.87 32.17 -7.02
O1 EDO IA . -9.17 32.69 -5.89
C2 EDO IA . -8.88 31.86 -8.13
O2 EDO IA . -9.62 31.65 -9.34
CAC FLC JA . 12.61 6.69 -5.87
CA FLC JA . 12.88 5.19 -5.66
CB FLC JA . 12.40 4.74 -4.27
CBC FLC JA . 13.64 4.55 -3.37
CG FLC JA . 11.63 3.43 -4.46
CGC FLC JA . 10.97 2.89 -3.20
OA1 FLC JA . 13.03 7.54 -5.04
OA2 FLC JA . 11.97 7.06 -6.89
OB1 FLC JA . 14.61 3.81 -3.73
OB2 FLC JA . 13.70 5.16 -2.27
OG1 FLC JA . 11.32 1.74 -2.80
OG2 FLC JA . 10.09 3.53 -2.57
OHB FLC JA . 11.53 5.68 -3.72
C1 EDO KA . 10.21 -5.69 8.66
O1 EDO KA . 11.00 -4.65 8.05
C2 EDO KA . 10.99 -7.00 8.81
O2 EDO KA . 10.23 -7.90 9.65
C1 EDO LA . 1.96 0.80 5.40
O1 EDO LA . 3.16 0.02 5.38
C2 EDO LA . 1.03 0.28 6.50
O2 EDO LA . 1.80 0.23 7.71
C1 EDO MA . 14.75 -9.89 6.57
O1 EDO MA . 15.45 -10.76 5.67
C2 EDO MA . 13.53 -10.62 7.14
O2 EDO MA . 12.76 -9.68 7.90
CL CL NA . 29.02 -1.37 0.32
C1 PGE OA . 4.24 3.24 38.82
O1 PGE OA . 4.17 4.61 38.43
C2 PGE OA . 5.49 2.63 38.21
O2 PGE OA . 5.27 1.27 37.89
C3 PGE OA . 5.84 0.87 36.67
C4 PGE OA . 5.56 -0.61 36.45
O4 PGE OA . 2.08 0.81 36.56
C6 PGE OA . 2.12 -0.48 37.15
C5 PGE OA . 3.28 -1.24 36.54
O3 PGE OA . 4.46 -0.99 37.27
C1 EDO PA . -3.45 -6.92 25.03
O1 EDO PA . -4.23 -7.77 25.88
C2 EDO PA . -3.36 -5.51 25.63
O2 EDO PA . -4.67 -5.04 25.98
CL CL QA . -2.71 13.20 34.54
#